data_5J1T
#
_entry.id   5J1T
#
_cell.length_a   75.435
_cell.length_b   88.445
_cell.length_c   105.331
_cell.angle_alpha   90.000
_cell.angle_beta   90.000
_cell.angle_gamma   90.000
#
_symmetry.space_group_name_H-M   'P 21 21 21'
#
loop_
_entity.id
_entity.type
_entity.pdbx_description
1 polymer Torsin-1A
2 polymer 'Torsin-1A-interacting protein 2'
3 polymer 'VHH domain BS-2'
4 non-polymer "ADENOSINE-5'-TRIPHOSPHATE"
5 non-polymer 'MAGNESIUM ION'
6 non-polymer 'CHLORIDE ION'
7 non-polymer 2-[BIS-(2-HYDROXY-ETHYL)-AMINO]-2-HYDROXYMETHYL-PROPANE-1,3-DIOL
8 water water
#
loop_
_entity_poly.entity_id
_entity_poly.type
_entity_poly.pdbx_seq_one_letter_code
_entity_poly.pdbx_strand_id
1 'polypeptide(L)'
;GPGQKRSLSREALQKDLDDNLFGQHLAKKIILNAVFGFINNPKPKKPLTLSLHGWTGTGKNFVSKIIAENIYEGGLNSDY
VHLFVATLHFPHASNITLYKDQLQLWIRGNVSACARSIFIFDQMDKMHAGLIDAIKPFLDYYDLVDGVSYQKAMFIFLSN
AGAERITDVALDFWRSGKQREDIKLKDIEHALSVSVFNNKNSGFWHSSLIDRNLIDYFVPFLPLEYKHLKMCIRVEMQSR
GYEIDEDIVSRVAEMTFFPKEERVFSDKGCKTVFTKLDYYYDD
;
A
2 'polypeptide(L)'
;MSSVNSYYSSPAQQVPKNPALEAFLAQFSQLEDKFPGQSSFLWQRGRKFLQKHLNASNPTEPATIIFTAAREGRETLKCL
SHHVADAYTSSQKVSPIQIDGAGRTWQDSDTVKLLVDLELSYGFENGQKAAVVHHFESFPAGSTLIFYKYCDHENAAFKD
VALVLTVLLEEETLEASVGPRETEEKVRDLLWAKFTNSDTPTSFNHMDSDKLSGLWSRISHLVLPVQPVSSIEEQGCLF
;
B
3 'polypeptide(L)'
;MQVQLVETGGGLVQAGGSLRLSCAASGNIFSFNVMGWYRQAPGKQRELVAAITSGDTTTYADSVQGRFTISRDNAKNAVY
LQMNSLTPEDTAVYFCNARRNPINGPYYTTAYWGQGTQVTVSS
;
C
#
# COMPACT_ATOMS: atom_id res chain seq x y z
N ARG A 6 17.98 -20.70 14.94
CA ARG A 6 18.11 -20.79 16.38
C ARG A 6 19.56 -20.41 16.82
N SER A 7 20.59 -20.88 16.13
CA SER A 7 21.97 -20.47 16.45
C SER A 7 22.69 -20.03 15.20
N LEU A 8 22.85 -18.73 15.04
CA LEU A 8 23.46 -18.19 13.86
C LEU A 8 24.86 -18.66 13.61
N SER A 9 25.13 -19.13 12.41
CA SER A 9 26.48 -19.50 12.07
C SER A 9 26.82 -18.76 10.78
N ARG A 10 28.03 -18.29 10.65
CA ARG A 10 28.43 -17.54 9.46
C ARG A 10 28.21 -18.39 8.22
N GLU A 11 28.54 -19.67 8.31
CA GLU A 11 28.43 -20.56 7.18
C GLU A 11 26.98 -20.71 6.72
N ALA A 12 26.06 -20.89 7.65
CA ALA A 12 24.64 -21.03 7.27
C ALA A 12 24.03 -19.77 6.69
N LEU A 13 24.36 -18.62 7.27
CA LEU A 13 23.89 -17.36 6.70
C LEU A 13 24.49 -17.14 5.31
N GLN A 14 25.79 -17.42 5.17
CA GLN A 14 26.42 -17.29 3.84
C GLN A 14 25.73 -18.19 2.80
N LYS A 15 25.46 -19.44 3.19
CA LYS A 15 24.82 -20.36 2.23
C LYS A 15 23.44 -19.89 1.86
N ASP A 16 22.70 -19.38 2.84
CA ASP A 16 21.31 -18.97 2.58
C ASP A 16 21.31 -17.80 1.61
N LEU A 17 22.18 -16.83 1.84
CA LEU A 17 22.26 -15.67 0.95
C LEU A 17 22.75 -16.10 -0.43
N ASP A 18 23.81 -16.92 -0.48
CA ASP A 18 24.33 -17.32 -1.80
C ASP A 18 23.34 -18.13 -2.61
N ASP A 19 22.64 -19.06 -1.95
CA ASP A 19 21.71 -19.93 -2.68
C ASP A 19 20.47 -19.18 -3.14
N ASN A 20 20.02 -18.17 -2.39
CA ASN A 20 18.67 -17.66 -2.60
C ASN A 20 18.53 -16.19 -3.03
N LEU A 21 19.55 -15.33 -2.81
CA LEU A 21 19.45 -13.90 -3.11
C LEU A 21 20.18 -13.61 -4.41
N PHE A 22 19.43 -13.22 -5.45
CA PHE A 22 20.02 -13.10 -6.79
C PHE A 22 20.32 -11.65 -7.11
N GLY A 23 21.39 -11.41 -7.83
CA GLY A 23 21.70 -10.11 -8.37
C GLY A 23 21.90 -9.04 -7.31
N GLN A 24 22.41 -9.39 -6.11
CA GLN A 24 22.65 -8.32 -5.15
C GLN A 24 24.03 -8.57 -4.54
N HIS A 25 25.08 -8.51 -5.36
CA HIS A 25 26.41 -8.86 -4.83
C HIS A 25 26.85 -7.93 -3.71
N LEU A 26 26.46 -6.65 -3.76
CA LEU A 26 26.93 -5.73 -2.71
C LEU A 26 26.19 -6.05 -1.41
N ALA A 27 24.86 -6.20 -1.50
CA ALA A 27 24.06 -6.41 -0.30
C ALA A 27 24.50 -7.71 0.38
N LYS A 28 24.80 -8.75 -0.40
CA LYS A 28 25.11 -10.05 0.21
C LYS A 28 26.31 -9.89 1.13
N LYS A 29 27.34 -9.24 0.61
CA LYS A 29 28.59 -9.16 1.35
C LYS A 29 28.43 -8.26 2.58
N ILE A 30 27.76 -7.14 2.43
CA ILE A 30 27.63 -6.24 3.56
C ILE A 30 26.80 -6.87 4.66
N ILE A 31 25.68 -7.46 4.28
N ILE A 31 25.66 -7.43 4.30
CA ILE A 31 24.80 -8.11 5.25
CA ILE A 31 24.82 -8.07 5.32
C ILE A 31 25.50 -9.25 5.99
C ILE A 31 25.54 -9.25 6.02
N LEU A 32 26.21 -10.10 5.25
CA LEU A 32 26.91 -11.25 5.88
C LEU A 32 27.83 -10.78 7.01
N ASN A 33 28.68 -9.82 6.68
CA ASN A 33 29.66 -9.40 7.67
C ASN A 33 29.06 -8.57 8.78
N ALA A 34 28.08 -7.72 8.49
CA ALA A 34 27.48 -6.89 9.55
C ALA A 34 26.71 -7.77 10.55
N VAL A 35 25.90 -8.69 10.01
CA VAL A 35 25.02 -9.46 10.90
C VAL A 35 25.83 -10.46 11.69
N PHE A 36 26.75 -11.13 11.03
CA PHE A 36 27.52 -12.10 11.80
C PHE A 36 28.38 -11.43 12.86
N GLY A 37 28.96 -10.26 12.54
CA GLY A 37 29.83 -9.65 13.53
C GLY A 37 29.05 -9.22 14.75
N PHE A 38 27.82 -8.78 14.56
CA PHE A 38 27.11 -8.16 15.69
C PHE A 38 26.54 -9.22 16.66
N ILE A 39 25.93 -10.23 16.03
CA ILE A 39 25.31 -11.27 16.84
C ILE A 39 26.34 -12.13 17.58
N ASN A 40 27.52 -12.32 16.97
CA ASN A 40 28.66 -13.04 17.57
C ASN A 40 29.41 -12.26 18.63
N ASN A 41 29.06 -10.99 18.78
CA ASN A 41 29.73 -10.14 19.72
C ASN A 41 28.87 -10.09 20.97
N PRO A 42 29.36 -10.62 22.10
CA PRO A 42 28.50 -10.62 23.28
C PRO A 42 28.42 -9.27 23.97
N LYS A 43 29.25 -8.33 23.54
CA LYS A 43 29.35 -7.02 24.21
C LYS A 43 29.33 -5.89 23.20
N PRO A 44 28.28 -5.80 22.37
CA PRO A 44 28.27 -4.70 21.39
C PRO A 44 28.10 -3.32 22.06
N LYS A 45 28.62 -2.29 21.42
CA LYS A 45 28.55 -0.96 22.01
C LYS A 45 27.42 -0.12 21.46
N LYS A 46 26.67 -0.64 20.48
CA LYS A 46 25.64 0.14 19.81
C LYS A 46 24.74 -0.86 19.13
N PRO A 47 23.42 -0.64 19.13
CA PRO A 47 22.60 -1.60 18.36
C PRO A 47 22.94 -1.55 16.87
N LEU A 48 22.97 -2.71 16.24
CA LEU A 48 23.30 -2.76 14.84
C LEU A 48 22.16 -2.12 14.04
N THR A 49 22.50 -1.13 13.24
CA THR A 49 21.47 -0.38 12.52
C THR A 49 21.79 -0.42 11.00
N LEU A 50 20.91 -1.08 10.26
CA LEU A 50 21.08 -1.24 8.82
C LEU A 50 20.05 -0.47 8.04
N SER A 51 20.46 0.17 6.97
CA SER A 51 19.49 0.84 6.07
C SER A 51 19.60 0.19 4.70
N LEU A 52 18.57 -0.57 4.35
CA LEU A 52 18.50 -1.30 3.04
C LEU A 52 17.72 -0.42 2.10
N HIS A 53 18.33 -0.01 1.00
N HIS A 53 18.40 0.08 1.06
CA HIS A 53 17.65 0.95 0.17
CA HIS A 53 17.87 1.06 0.08
C HIS A 53 17.93 0.71 -1.30
C HIS A 53 17.92 0.55 -1.32
N GLY A 54 16.85 0.81 -2.09
CA GLY A 54 16.97 0.67 -3.51
C GLY A 54 15.71 0.22 -4.20
N TRP A 55 15.90 -0.32 -5.40
CA TRP A 55 14.80 -0.49 -6.33
C TRP A 55 13.67 -1.35 -5.82
N THR A 56 12.43 -1.01 -6.19
CA THR A 56 11.29 -1.82 -5.78
C THR A 56 11.43 -3.28 -6.31
N GLY A 57 11.03 -4.26 -5.49
CA GLY A 57 10.95 -5.62 -5.99
C GLY A 57 12.29 -6.29 -6.14
N THR A 58 13.34 -5.84 -5.45
CA THR A 58 14.66 -6.38 -5.72
C THR A 58 15.31 -7.05 -4.51
N GLY A 59 14.60 -7.16 -3.38
CA GLY A 59 14.99 -8.13 -2.35
C GLY A 59 15.11 -7.61 -0.95
N LYS A 60 14.59 -6.40 -0.64
CA LYS A 60 14.81 -5.84 0.71
C LYS A 60 14.00 -6.56 1.79
N ASN A 61 12.69 -6.77 1.60
CA ASN A 61 11.95 -7.60 2.58
C ASN A 61 12.43 -9.04 2.52
N PHE A 62 12.78 -9.48 1.32
CA PHE A 62 13.26 -10.85 1.15
C PHE A 62 14.49 -11.11 1.99
N VAL A 63 15.46 -10.21 1.91
N VAL A 63 15.45 -10.22 1.94
CA VAL A 63 16.69 -10.31 2.73
CA VAL A 63 16.63 -10.52 2.71
C VAL A 63 16.39 -10.25 4.21
C VAL A 63 16.43 -10.23 4.21
N SER A 64 15.47 -9.36 4.58
CA SER A 64 15.10 -9.19 6.00
C SER A 64 14.59 -10.50 6.58
N LYS A 65 13.83 -11.26 5.78
N LYS A 65 13.85 -11.24 5.77
CA LYS A 65 13.37 -12.58 6.21
CA LYS A 65 13.35 -12.53 6.19
C LYS A 65 14.53 -13.54 6.39
C LYS A 65 14.49 -13.55 6.35
N ILE A 66 15.48 -13.52 5.45
CA ILE A 66 16.67 -14.41 5.56
C ILE A 66 17.41 -14.09 6.86
N ILE A 67 17.60 -12.80 7.15
CA ILE A 67 18.29 -12.43 8.38
C ILE A 67 17.51 -12.96 9.59
N ALA A 68 16.24 -12.62 9.67
CA ALA A 68 15.43 -13.04 10.82
C ALA A 68 15.46 -14.57 11.01
N GLU A 69 15.28 -15.32 9.91
CA GLU A 69 15.26 -16.80 9.97
C GLU A 69 16.56 -17.36 10.45
N ASN A 70 17.66 -16.70 10.12
CA ASN A 70 18.96 -17.22 10.56
C ASN A 70 19.24 -16.94 12.02
N ILE A 71 18.54 -16.02 12.62
CA ILE A 71 18.75 -15.67 14.04
C ILE A 71 17.71 -16.35 14.93
N TYR A 72 16.46 -16.37 14.50
CA TYR A 72 15.36 -16.90 15.31
C TYR A 72 14.49 -17.91 14.57
N GLU A 73 14.14 -19.00 15.25
CA GLU A 73 13.15 -19.90 14.72
C GLU A 73 11.83 -19.15 14.49
N GLY A 74 11.23 -19.32 13.32
CA GLY A 74 10.00 -18.60 12.95
C GLY A 74 10.28 -17.41 12.05
N GLY A 75 11.52 -16.91 12.02
CA GLY A 75 11.85 -15.77 11.17
C GLY A 75 11.02 -14.55 11.58
N LEU A 76 10.33 -13.93 10.61
CA LEU A 76 9.46 -12.78 10.95
C LEU A 76 8.36 -13.17 11.92
N ASN A 77 8.03 -14.46 12.02
CA ASN A 77 7.02 -14.88 12.98
C ASN A 77 7.57 -15.24 14.34
N SER A 78 8.87 -15.05 14.53
CA SER A 78 9.42 -15.13 15.87
C SER A 78 8.78 -14.11 16.80
N ASP A 79 8.63 -14.48 18.07
CA ASP A 79 8.17 -13.52 19.07
C ASP A 79 9.15 -12.35 19.26
N TYR A 80 10.37 -12.47 18.75
CA TYR A 80 11.42 -11.49 19.04
C TYR A 80 11.80 -10.65 17.80
N VAL A 81 11.01 -10.76 16.74
CA VAL A 81 11.21 -9.98 15.52
C VAL A 81 9.92 -9.17 15.29
N HIS A 82 10.07 -7.86 15.16
CA HIS A 82 8.93 -6.92 15.14
C HIS A 82 8.94 -6.14 13.86
N LEU A 83 7.88 -6.24 13.08
CA LEU A 83 7.81 -5.52 11.82
C LEU A 83 6.81 -4.36 11.91
N PHE A 84 7.29 -3.17 11.59
CA PHE A 84 6.43 -1.98 11.46
C PHE A 84 6.39 -1.64 10.00
N VAL A 85 5.22 -1.45 9.44
CA VAL A 85 5.13 -1.14 8.01
C VAL A 85 4.56 0.28 7.96
N ALA A 86 5.37 1.28 7.58
CA ALA A 86 4.94 2.69 7.80
C ALA A 86 3.61 2.97 7.07
N THR A 87 3.43 2.44 5.88
CA THR A 87 2.26 2.76 5.08
C THR A 87 0.98 2.08 5.62
N LEU A 88 1.12 1.04 6.47
CA LEU A 88 0.00 0.32 7.08
C LEU A 88 -0.27 0.80 8.53
N HIS A 89 0.81 0.88 9.31
CA HIS A 89 0.76 1.19 10.75
C HIS A 89 0.85 2.67 11.05
N PHE A 90 1.48 3.44 10.16
CA PHE A 90 1.64 4.89 10.39
C PHE A 90 1.14 5.70 9.19
N PRO A 91 -0.10 5.43 8.74
CA PRO A 91 -0.48 6.01 7.44
C PRO A 91 -0.74 7.52 7.40
N HIS A 92 -1.23 8.10 8.50
CA HIS A 92 -1.73 9.49 8.44
C HIS A 92 -0.75 10.38 9.22
N ALA A 93 -0.18 11.38 8.51
CA ALA A 93 0.87 12.20 9.12
C ALA A 93 0.36 12.85 10.40
N SER A 94 -0.91 13.26 10.40
CA SER A 94 -1.41 14.00 11.54
C SER A 94 -1.61 13.21 12.82
N ASN A 95 -1.48 11.88 12.73
CA ASN A 95 -1.56 11.02 13.92
C ASN A 95 -0.17 10.66 14.49
N ILE A 96 0.84 11.44 14.12
N ILE A 96 0.85 11.46 14.14
CA ILE A 96 2.18 11.18 14.63
CA ILE A 96 2.21 11.19 14.63
C ILE A 96 2.24 10.98 16.16
C ILE A 96 2.31 11.05 16.15
N THR A 97 1.60 11.85 16.94
CA THR A 97 1.71 11.70 18.41
C THR A 97 1.20 10.34 18.91
N LEU A 98 0.08 9.90 18.37
CA LEU A 98 -0.51 8.62 18.71
C LEU A 98 0.43 7.48 18.31
N TYR A 99 1.02 7.58 17.12
CA TYR A 99 1.97 6.54 16.69
C TYR A 99 3.19 6.54 17.58
N LYS A 100 3.71 7.72 17.86
CA LYS A 100 4.93 7.88 18.62
C LYS A 100 4.78 7.33 20.03
N ASP A 101 3.67 7.66 20.69
CA ASP A 101 3.50 7.19 22.07
C ASP A 101 3.43 5.66 22.13
N GLN A 102 2.71 5.06 21.18
CA GLN A 102 2.63 3.59 21.14
C GLN A 102 3.97 2.96 20.77
N LEU A 103 4.69 3.59 19.84
CA LEU A 103 5.92 3.00 19.33
C LEU A 103 7.01 3.01 20.41
N GLN A 104 7.11 4.10 21.18
CA GLN A 104 8.08 4.18 22.27
C GLN A 104 7.78 3.14 23.33
N LEU A 105 6.50 2.95 23.64
CA LEU A 105 6.15 1.91 24.63
C LEU A 105 6.44 0.52 24.12
N TRP A 106 6.14 0.28 22.86
CA TRP A 106 6.34 -1.06 22.31
C TRP A 106 7.81 -1.43 22.26
N ILE A 107 8.67 -0.55 21.79
CA ILE A 107 10.11 -0.83 21.73
C ILE A 107 10.69 -1.06 23.12
N ARG A 108 10.37 -0.17 24.04
CA ARG A 108 10.96 -0.27 25.37
C ARG A 108 10.49 -1.55 26.10
N GLY A 109 9.22 -1.90 25.99
CA GLY A 109 8.72 -3.10 26.64
C GLY A 109 9.30 -4.38 26.07
N ASN A 110 9.49 -4.42 24.74
CA ASN A 110 10.03 -5.64 24.14
C ASN A 110 11.54 -5.78 24.37
N VAL A 111 12.32 -4.69 24.34
CA VAL A 111 13.74 -4.81 24.68
C VAL A 111 13.93 -5.13 26.16
N SER A 112 13.09 -4.58 27.01
CA SER A 112 13.13 -4.96 28.43
C SER A 112 12.98 -6.47 28.59
N ALA A 113 12.13 -7.08 27.79
CA ALA A 113 11.88 -8.50 27.90
C ALA A 113 12.89 -9.36 27.16
N CYS A 114 13.50 -8.81 26.12
CA CYS A 114 14.42 -9.54 25.25
C CYS A 114 15.47 -8.54 24.70
N ALA A 115 16.68 -8.55 25.25
CA ALA A 115 17.73 -7.64 24.80
C ALA A 115 18.03 -7.75 23.32
N ARG A 116 17.98 -8.98 22.79
CA ARG A 116 18.31 -9.27 21.39
C ARG A 116 17.08 -9.19 20.48
N SER A 117 16.21 -8.21 20.72
CA SER A 117 15.08 -8.00 19.82
C SER A 117 15.51 -7.42 18.49
N ILE A 118 14.73 -7.72 17.45
CA ILE A 118 14.98 -7.17 16.11
C ILE A 118 13.76 -6.37 15.69
N PHE A 119 13.99 -5.12 15.27
CA PHE A 119 12.91 -4.24 14.79
C PHE A 119 13.15 -3.90 13.35
N ILE A 120 12.16 -4.14 12.52
CA ILE A 120 12.22 -3.81 11.11
C ILE A 120 11.21 -2.71 10.79
N PHE A 121 11.70 -1.61 10.22
CA PHE A 121 10.85 -0.49 9.80
C PHE A 121 10.77 -0.46 8.29
N ASP A 122 9.67 -0.98 7.78
CA ASP A 122 9.50 -1.04 6.33
C ASP A 122 8.88 0.29 5.83
N GLN A 123 9.19 0.61 4.58
CA GLN A 123 8.71 1.85 3.93
C GLN A 123 9.12 3.07 4.75
N MET A 124 10.38 3.09 5.21
N MET A 124 10.37 3.12 5.20
CA MET A 124 10.91 4.17 6.03
CA MET A 124 10.78 4.22 6.06
C MET A 124 10.83 5.52 5.31
C MET A 124 10.78 5.55 5.30
N ASP A 125 10.87 5.50 3.98
CA ASP A 125 10.80 6.74 3.23
C ASP A 125 9.41 7.35 3.24
N LYS A 126 8.42 6.60 3.74
CA LYS A 126 7.07 7.13 3.89
C LYS A 126 6.72 7.42 5.38
N MET A 127 7.69 7.31 6.27
CA MET A 127 7.47 7.49 7.69
C MET A 127 7.70 8.94 8.10
N HIS A 128 6.81 9.50 8.89
CA HIS A 128 7.00 10.86 9.39
C HIS A 128 8.41 11.08 9.97
N ALA A 129 9.09 12.14 9.57
CA ALA A 129 10.39 12.48 10.13
C ALA A 129 10.34 12.56 11.65
N GLY A 130 9.23 13.05 12.20
CA GLY A 130 9.12 13.16 13.66
C GLY A 130 9.01 11.80 14.33
N LEU A 131 8.46 10.83 13.61
CA LEU A 131 8.40 9.49 14.19
C LEU A 131 9.80 8.83 14.15
N ILE A 132 10.59 9.10 13.11
CA ILE A 132 11.98 8.63 13.07
C ILE A 132 12.76 9.30 14.21
N ASP A 133 12.53 10.60 14.45
CA ASP A 133 13.22 11.30 15.54
C ASP A 133 12.96 10.60 16.85
N ALA A 134 11.76 10.05 17.02
CA ALA A 134 11.38 9.40 18.27
C ALA A 134 12.14 8.13 18.53
N ILE A 135 12.69 7.48 17.49
CA ILE A 135 13.43 6.25 17.75
C ILE A 135 14.94 6.48 17.78
N LYS A 136 15.41 7.67 17.45
CA LYS A 136 16.87 7.90 17.40
C LYS A 136 17.61 7.57 18.70
N PRO A 137 17.03 7.84 19.89
CA PRO A 137 17.82 7.49 21.10
C PRO A 137 18.10 5.98 21.20
N PHE A 138 17.15 5.17 20.70
CA PHE A 138 17.33 3.73 20.78
C PHE A 138 18.45 3.25 19.85
N LEU A 139 18.84 4.05 18.85
CA LEU A 139 19.85 3.68 17.86
C LEU A 139 21.29 4.03 18.24
N ASP A 140 21.41 4.88 19.26
CA ASP A 140 22.66 5.56 19.54
C ASP A 140 23.61 4.76 20.45
N TYR A 141 24.76 5.39 20.73
CA TYR A 141 25.86 4.78 21.53
C TYR A 141 25.65 4.84 23.05
N TYR A 142 24.45 5.16 23.51
CA TYR A 142 24.16 5.20 24.95
C TYR A 142 24.30 3.84 25.62
N ASP A 143 24.82 3.79 26.85
CA ASP A 143 24.77 2.52 27.57
C ASP A 143 23.37 2.21 28.10
N LEU A 144 22.60 3.23 28.46
CA LEU A 144 21.22 3.05 28.94
C LEU A 144 20.36 4.15 28.39
N VAL A 145 19.14 3.80 28.03
CA VAL A 145 18.12 4.77 27.58
C VAL A 145 16.92 4.52 28.49
N ASP A 146 16.59 5.48 29.35
CA ASP A 146 15.61 5.28 30.42
C ASP A 146 15.82 3.94 31.13
N GLY A 147 17.07 3.64 31.47
CA GLY A 147 17.39 2.48 32.27
C GLY A 147 17.47 1.14 31.55
N VAL A 148 17.29 1.16 30.22
CA VAL A 148 17.34 -0.08 29.43
C VAL A 148 18.45 0.02 28.42
N SER A 149 19.23 -1.04 28.25
CA SER A 149 20.28 -1.05 27.20
C SER A 149 19.70 -1.55 25.89
N TYR A 150 19.94 -0.80 24.81
CA TYR A 150 19.53 -1.22 23.44
C TYR A 150 20.72 -1.76 22.66
N GLN A 151 21.86 -1.93 23.30
CA GLN A 151 23.08 -2.23 22.54
C GLN A 151 23.07 -3.62 21.87
N LYS A 152 22.23 -4.54 22.34
CA LYS A 152 22.12 -5.89 21.75
C LYS A 152 21.01 -5.99 20.68
N ALA A 153 20.23 -4.93 20.51
CA ALA A 153 19.08 -4.96 19.62
C ALA A 153 19.56 -4.70 18.20
N MET A 154 18.68 -4.98 17.25
CA MET A 154 18.99 -4.73 15.85
C MET A 154 17.85 -3.92 15.25
N PHE A 155 18.20 -2.92 14.43
CA PHE A 155 17.20 -2.10 13.72
C PHE A 155 17.47 -2.16 12.25
N ILE A 156 16.47 -2.52 11.46
CA ILE A 156 16.61 -2.67 10.02
C ILE A 156 15.62 -1.74 9.35
N PHE A 157 16.10 -0.85 8.52
CA PHE A 157 15.21 0.11 7.80
C PHE A 157 15.16 -0.27 6.33
N LEU A 158 13.94 -0.32 5.78
CA LEU A 158 13.78 -0.66 4.36
C LEU A 158 13.20 0.56 3.61
N SER A 159 13.77 0.91 2.48
CA SER A 159 13.19 2.04 1.73
CA SER A 159 13.39 2.16 1.79
C SER A 159 13.65 2.07 0.29
N ASN A 160 12.92 2.87 -0.50
CA ASN A 160 13.28 3.09 -1.89
C ASN A 160 14.18 4.30 -2.09
N ALA A 161 14.65 4.93 -1.01
CA ALA A 161 15.32 6.20 -1.21
C ALA A 161 16.64 5.97 -1.90
N GLY A 162 16.91 6.73 -2.96
CA GLY A 162 18.15 6.54 -3.69
C GLY A 162 18.09 5.61 -4.87
N ALA A 163 16.94 4.97 -5.06
CA ALA A 163 16.80 3.93 -6.08
C ALA A 163 17.19 4.43 -7.47
N GLU A 164 16.71 5.61 -7.88
CA GLU A 164 17.03 6.07 -9.23
C GLU A 164 18.55 6.33 -9.39
N ARG A 165 19.19 6.92 -8.37
CA ARG A 165 20.63 7.15 -8.49
C ARG A 165 21.47 5.86 -8.51
N ILE A 166 21.05 4.85 -7.75
CA ILE A 166 21.72 3.55 -7.77
C ILE A 166 21.62 2.97 -9.18
N THR A 167 20.42 3.06 -9.75
CA THR A 167 20.23 2.56 -11.10
C THR A 167 21.11 3.27 -12.11
N ASP A 168 21.32 4.58 -11.93
CA ASP A 168 22.20 5.33 -12.84
C ASP A 168 23.60 4.71 -12.89
N VAL A 169 24.12 4.33 -11.71
CA VAL A 169 25.42 3.63 -11.64
C VAL A 169 25.33 2.29 -12.40
N ALA A 170 24.33 1.45 -12.11
CA ALA A 170 24.23 0.14 -12.78
C ALA A 170 24.15 0.33 -14.29
N LEU A 171 23.41 1.34 -14.74
CA LEU A 171 23.33 1.65 -16.16
C LEU A 171 24.69 2.07 -16.77
N ASP A 172 25.42 2.95 -16.07
CA ASP A 172 26.73 3.38 -16.51
C ASP A 172 27.65 2.19 -16.70
N PHE A 173 27.69 1.30 -15.70
CA PHE A 173 28.53 0.12 -15.80
C PHE A 173 28.10 -0.76 -16.96
N TRP A 174 26.79 -0.88 -17.18
CA TRP A 174 26.31 -1.77 -18.25
C TRP A 174 26.68 -1.19 -19.61
N ARG A 175 26.51 0.11 -19.78
CA ARG A 175 26.84 0.76 -21.04
C ARG A 175 28.32 0.71 -21.36
N SER A 176 29.14 0.70 -20.30
CA SER A 176 30.61 0.72 -20.44
C SER A 176 31.22 -0.65 -20.68
N GLY A 177 30.38 -1.67 -20.66
CA GLY A 177 30.83 -3.02 -20.90
C GLY A 177 31.48 -3.71 -19.70
N LYS A 178 31.27 -3.15 -18.50
CA LYS A 178 31.82 -3.74 -17.30
C LYS A 178 30.84 -4.73 -16.70
N GLN A 179 31.32 -5.57 -15.80
CA GLN A 179 30.46 -6.50 -15.10
C GLN A 179 29.68 -5.78 -14.01
N ARG A 180 28.44 -6.20 -13.79
CA ARG A 180 27.63 -5.71 -12.68
C ARG A 180 28.37 -5.89 -11.36
N GLU A 181 29.06 -7.03 -11.25
CA GLU A 181 29.76 -7.35 -10.02
C GLU A 181 30.99 -6.49 -9.83
N ASP A 182 31.35 -5.65 -10.79
CA ASP A 182 32.47 -4.72 -10.61
C ASP A 182 32.03 -3.45 -9.88
N ILE A 183 30.72 -3.26 -9.73
CA ILE A 183 30.23 -2.07 -9.02
C ILE A 183 30.65 -2.17 -7.56
N LYS A 184 31.21 -1.08 -7.05
CA LYS A 184 31.66 -1.05 -5.65
C LYS A 184 30.80 -0.12 -4.81
N LEU A 185 30.82 -0.31 -3.50
CA LEU A 185 30.07 0.57 -2.64
C LEU A 185 30.47 2.05 -2.84
N LYS A 186 31.76 2.33 -3.10
CA LYS A 186 32.20 3.73 -3.27
C LYS A 186 31.57 4.39 -4.53
N ASP A 187 31.26 3.59 -5.55
CA ASP A 187 30.53 4.07 -6.73
C ASP A 187 29.14 4.54 -6.39
N ILE A 188 28.47 3.77 -5.54
CA ILE A 188 27.14 4.10 -5.05
C ILE A 188 27.19 5.35 -4.15
N GLU A 189 28.14 5.35 -3.23
CA GLU A 189 28.28 6.49 -2.32
C GLU A 189 28.53 7.78 -3.12
N HIS A 190 29.32 7.71 -4.17
CA HIS A 190 29.62 8.93 -4.93
C HIS A 190 28.36 9.42 -5.67
N ALA A 191 27.59 8.50 -6.26
CA ALA A 191 26.37 8.90 -6.95
C ALA A 191 25.33 9.47 -5.99
N LEU A 192 25.34 9.00 -4.74
CA LEU A 192 24.35 9.44 -3.76
C LEU A 192 24.81 10.63 -2.95
N SER A 193 26.01 11.14 -3.21
CA SER A 193 26.56 12.19 -2.36
C SER A 193 25.69 13.45 -2.40
N VAL A 194 25.01 13.64 -3.53
CA VAL A 194 24.04 14.72 -3.75
C VAL A 194 22.74 14.60 -2.93
N SER A 195 22.35 13.38 -2.54
CA SER A 195 21.03 13.10 -1.93
C SER A 195 21.05 12.30 -0.61
N VAL A 196 20.99 10.97 -0.68
CA VAL A 196 20.98 10.14 0.54
C VAL A 196 22.18 10.47 1.45
N PHE A 197 23.30 10.88 0.85
CA PHE A 197 24.51 11.10 1.63
C PHE A 197 24.96 12.56 1.65
N ASN A 198 24.04 13.50 1.44
CA ASN A 198 24.41 14.91 1.56
C ASN A 198 24.46 15.35 3.04
N ASN A 199 24.81 16.61 3.26
CA ASN A 199 25.07 17.05 4.63
C ASN A 199 23.81 17.10 5.50
N LYS A 200 22.67 17.47 4.90
CA LYS A 200 21.42 17.58 5.64
C LYS A 200 21.00 16.21 6.17
N ASN A 201 21.13 15.18 5.35
CA ASN A 201 20.79 13.83 5.77
C ASN A 201 21.85 13.26 6.72
N SER A 202 23.13 13.62 6.49
CA SER A 202 24.17 13.23 7.44
C SER A 202 23.88 13.89 8.78
N GLY A 203 23.40 15.14 8.71
CA GLY A 203 23.00 15.87 9.89
C GLY A 203 21.89 15.08 10.58
N PHE A 204 20.88 14.70 9.80
CA PHE A 204 19.66 14.11 10.35
C PHE A 204 19.99 12.82 11.10
N TRP A 205 20.90 12.05 10.54
CA TRP A 205 21.18 10.74 11.12
C TRP A 205 22.42 10.77 12.02
N HIS A 206 22.91 11.95 12.39
CA HIS A 206 24.08 12.03 13.25
C HIS A 206 23.77 11.60 14.70
N SER A 207 24.73 10.93 15.34
CA SER A 207 24.65 10.60 16.77
C SER A 207 24.54 11.89 17.60
N SER A 208 23.83 11.79 18.73
CA SER A 208 23.78 12.88 19.71
C SER A 208 24.82 12.76 20.79
N LEU A 209 25.70 11.77 20.66
CA LEU A 209 26.69 11.51 21.71
C LEU A 209 28.12 11.64 21.18
N ILE A 210 28.40 11.08 20.00
CA ILE A 210 29.73 11.09 19.41
C ILE A 210 29.70 11.44 17.92
N ASP A 211 30.89 11.55 17.32
CA ASP A 211 30.98 11.98 15.93
C ASP A 211 30.85 10.82 14.93
N ARG A 212 29.65 10.26 14.89
CA ARG A 212 29.32 9.06 14.12
C ARG A 212 27.87 9.14 13.55
N ASN A 213 27.59 8.34 12.51
CA ASN A 213 26.24 8.21 11.96
C ASN A 213 25.49 7.18 12.83
N LEU A 214 24.20 7.36 13.02
CA LEU A 214 23.37 6.35 13.70
C LEU A 214 23.18 5.11 12.84
N ILE A 215 23.33 5.24 11.51
N ILE A 215 23.35 5.27 11.52
CA ILE A 215 23.19 4.07 10.61
CA ILE A 215 23.29 4.13 10.59
C ILE A 215 24.56 3.48 10.36
C ILE A 215 24.66 3.53 10.51
N ASP A 216 24.75 2.23 10.80
CA ASP A 216 26.05 1.59 10.76
C ASP A 216 26.42 1.15 9.34
N TYR A 217 25.41 0.66 8.61
CA TYR A 217 25.64 0.21 7.22
C TYR A 217 24.52 0.60 6.32
N PHE A 218 24.83 1.27 5.21
N PHE A 218 24.90 1.23 5.24
CA PHE A 218 23.88 1.52 4.09
CA PHE A 218 24.05 1.45 4.11
C PHE A 218 24.09 0.45 3.03
C PHE A 218 24.17 0.20 3.22
N VAL A 219 23.03 -0.32 2.79
CA VAL A 219 23.06 -1.53 2.00
C VAL A 219 22.27 -1.30 0.68
N PRO A 220 22.98 -1.08 -0.43
CA PRO A 220 22.21 -0.72 -1.65
C PRO A 220 21.70 -1.94 -2.42
N PHE A 221 20.53 -1.75 -3.03
CA PHE A 221 19.88 -2.76 -3.84
C PHE A 221 19.79 -2.27 -5.28
N LEU A 222 20.30 -3.08 -6.20
CA LEU A 222 20.41 -2.75 -7.62
C LEU A 222 19.17 -3.20 -8.36
N PRO A 223 18.80 -2.52 -9.45
CA PRO A 223 17.69 -2.99 -10.27
C PRO A 223 18.03 -4.36 -10.89
N LEU A 224 17.00 -5.14 -11.23
CA LEU A 224 17.25 -6.52 -11.73
C LEU A 224 17.18 -6.59 -13.25
N GLU A 225 17.98 -7.51 -13.81
CA GLU A 225 17.99 -7.78 -15.25
C GLU A 225 17.11 -8.98 -15.55
N TYR A 226 16.84 -9.17 -16.84
CA TYR A 226 16.07 -10.31 -17.32
C TYR A 226 16.58 -11.66 -16.77
N LYS A 227 17.89 -11.86 -16.77
CA LYS A 227 18.40 -13.14 -16.26
C LYS A 227 18.02 -13.37 -14.78
N HIS A 228 17.92 -12.30 -13.99
CA HIS A 228 17.59 -12.44 -12.56
C HIS A 228 16.14 -12.83 -12.41
N LEU A 229 15.27 -12.22 -13.23
CA LEU A 229 13.86 -12.60 -13.18
C LEU A 229 13.70 -14.08 -13.49
N LYS A 230 14.42 -14.60 -14.48
CA LYS A 230 14.29 -16.03 -14.78
C LYS A 230 14.70 -16.89 -13.58
N MET A 231 15.76 -16.48 -12.87
CA MET A 231 16.14 -17.26 -11.69
C MET A 231 15.02 -17.31 -10.66
N CYS A 232 14.38 -16.16 -10.45
CA CYS A 232 13.28 -16.14 -9.51
C CYS A 232 12.02 -16.93 -9.93
N ILE A 233 11.68 -16.86 -11.20
CA ILE A 233 10.52 -17.59 -11.71
C ILE A 233 10.73 -19.09 -11.51
N ARG A 234 11.94 -19.60 -11.76
CA ARG A 234 12.19 -21.03 -11.57
C ARG A 234 11.92 -21.44 -10.11
N VAL A 235 12.37 -20.63 -9.16
CA VAL A 235 12.12 -20.90 -7.76
C VAL A 235 10.64 -20.90 -7.46
N GLU A 236 9.89 -19.90 -8.00
CA GLU A 236 8.48 -19.89 -7.72
C GLU A 236 7.77 -21.12 -8.35
N MET A 237 8.15 -21.50 -9.58
CA MET A 237 7.55 -22.69 -10.18
C MET A 237 7.72 -23.92 -9.25
N GLN A 238 8.96 -24.13 -8.75
CA GLN A 238 9.20 -25.28 -7.90
C GLN A 238 8.37 -25.20 -6.61
N SER A 239 8.26 -23.99 -6.06
CA SER A 239 7.55 -23.88 -4.81
C SER A 239 6.05 -24.21 -5.00
N ARG A 240 5.53 -23.98 -6.20
CA ARG A 240 4.13 -24.28 -6.50
C ARG A 240 3.92 -25.74 -6.91
N GLY A 241 5.00 -26.49 -7.08
CA GLY A 241 4.91 -27.88 -7.49
C GLY A 241 4.76 -28.05 -8.99
N TYR A 242 5.01 -26.97 -9.76
CA TYR A 242 4.96 -27.10 -11.20
C TYR A 242 6.20 -27.80 -11.77
N GLU A 243 6.05 -28.48 -12.90
CA GLU A 243 7.22 -28.86 -13.72
C GLU A 243 7.73 -27.64 -14.46
N ILE A 244 8.99 -27.28 -14.25
CA ILE A 244 9.54 -26.09 -14.92
C ILE A 244 9.50 -26.24 -16.44
N ASP A 245 9.08 -25.17 -17.08
CA ASP A 245 8.98 -25.10 -18.52
C ASP A 245 9.78 -23.83 -18.87
N GLU A 246 10.98 -23.97 -19.46
CA GLU A 246 11.85 -22.84 -19.75
C GLU A 246 11.26 -21.94 -20.80
N ASP A 247 10.35 -22.43 -21.66
CA ASP A 247 9.67 -21.52 -22.57
C ASP A 247 8.75 -20.59 -21.79
N ILE A 248 8.04 -21.13 -20.80
CA ILE A 248 7.20 -20.27 -19.94
C ILE A 248 8.10 -19.35 -19.09
N VAL A 249 9.24 -19.84 -18.58
CA VAL A 249 10.13 -18.95 -17.83
C VAL A 249 10.48 -17.72 -18.68
N SER A 250 10.93 -17.95 -19.91
CA SER A 250 11.34 -16.83 -20.79
C SER A 250 10.19 -15.89 -21.07
N ARG A 251 8.99 -16.43 -21.30
CA ARG A 251 7.85 -15.55 -21.64
C ARG A 251 7.38 -14.78 -20.42
N VAL A 252 7.34 -15.42 -19.26
CA VAL A 252 6.89 -14.72 -18.03
C VAL A 252 7.88 -13.62 -17.71
N ALA A 253 9.18 -13.85 -17.95
CA ALA A 253 10.19 -12.82 -17.64
C ALA A 253 10.19 -11.63 -18.61
N GLU A 254 9.43 -11.70 -19.70
CA GLU A 254 9.25 -10.53 -20.57
C GLU A 254 8.29 -9.52 -19.98
N MET A 255 8.81 -8.82 -18.98
CA MET A 255 8.14 -7.70 -18.33
C MET A 255 8.36 -6.42 -19.12
N THR A 256 7.99 -5.28 -18.54
CA THR A 256 8.38 -4.03 -19.16
C THR A 256 9.75 -3.57 -18.57
N PHE A 257 10.68 -3.25 -19.47
CA PHE A 257 12.06 -2.90 -19.13
C PHE A 257 12.38 -1.44 -19.48
N PHE A 258 13.45 -0.93 -18.88
CA PHE A 258 13.90 0.45 -19.14
C PHE A 258 15.41 0.48 -19.17
N PRO A 259 16.02 1.56 -19.69
CA PRO A 259 15.47 2.66 -20.49
C PRO A 259 14.90 2.20 -21.82
N LYS A 260 14.31 3.14 -22.57
CA LYS A 260 13.70 2.74 -23.84
C LYS A 260 14.75 2.16 -24.80
N GLU A 261 15.96 2.71 -24.78
CA GLU A 261 16.97 2.19 -25.68
C GLU A 261 17.48 0.81 -25.23
N GLU A 262 18.06 0.74 -24.04
CA GLU A 262 18.76 -0.45 -23.61
C GLU A 262 17.82 -1.59 -23.14
N ARG A 263 16.68 -1.22 -22.55
CA ARG A 263 15.73 -2.22 -22.07
C ARG A 263 16.41 -3.22 -21.19
N VAL A 264 17.20 -2.76 -20.23
CA VAL A 264 18.03 -3.69 -19.47
C VAL A 264 17.46 -4.04 -18.07
N PHE A 265 16.74 -3.13 -17.44
CA PHE A 265 16.22 -3.40 -16.07
C PHE A 265 14.70 -3.45 -16.02
N SER A 266 14.15 -4.32 -15.19
N SER A 266 14.19 -4.30 -15.16
CA SER A 266 12.67 -4.44 -15.13
CA SER A 266 12.76 -4.46 -14.96
C SER A 266 12.10 -3.33 -14.25
C SER A 266 12.19 -3.21 -14.27
N ASP A 267 11.04 -2.70 -14.74
CA ASP A 267 10.39 -1.60 -14.01
C ASP A 267 10.12 -1.92 -12.55
N LYS A 268 9.70 -3.16 -12.27
CA LYS A 268 9.19 -3.48 -10.96
C LYS A 268 10.00 -4.57 -10.26
N GLY A 269 11.26 -4.76 -10.68
CA GLY A 269 12.06 -5.82 -10.07
C GLY A 269 11.37 -7.16 -10.36
N CYS A 270 11.22 -7.98 -9.33
N CYS A 270 11.20 -7.96 -9.31
CA CYS A 270 10.48 -9.23 -9.46
CA CYS A 270 10.49 -9.23 -9.41
C CYS A 270 9.00 -9.14 -9.08
C CYS A 270 8.98 -9.12 -9.20
N LYS A 271 8.49 -7.94 -8.84
CA LYS A 271 7.07 -7.83 -8.50
C LYS A 271 6.19 -7.79 -9.73
N THR A 272 4.98 -8.31 -9.54
CA THR A 272 3.92 -8.53 -10.58
C THR A 272 4.34 -9.59 -11.61
N VAL A 273 5.45 -10.29 -11.38
CA VAL A 273 5.91 -11.31 -12.30
C VAL A 273 5.10 -12.58 -12.10
N PHE A 274 4.97 -13.02 -10.85
CA PHE A 274 4.44 -14.38 -10.63
C PHE A 274 2.95 -14.45 -10.93
N THR A 275 2.26 -13.30 -10.90
CA THR A 275 0.88 -13.24 -11.38
C THR A 275 0.70 -13.87 -12.75
N LYS A 276 1.72 -13.72 -13.60
CA LYS A 276 1.61 -14.15 -14.98
C LYS A 276 1.65 -15.68 -15.11
N LEU A 277 2.16 -16.39 -14.09
CA LEU A 277 2.17 -17.88 -14.17
C LEU A 277 0.78 -18.44 -14.36
N ASP A 278 -0.25 -17.78 -13.82
CA ASP A 278 -1.60 -18.31 -13.98
C ASP A 278 -2.13 -18.20 -15.39
N TYR A 279 -1.45 -17.45 -16.24
CA TYR A 279 -1.83 -17.45 -17.66
C TYR A 279 -1.36 -18.71 -18.38
N TYR A 280 -0.42 -19.43 -17.78
CA TYR A 280 0.22 -20.57 -18.44
C TYR A 280 0.01 -21.91 -17.77
N TYR A 281 -0.24 -21.89 -16.47
CA TYR A 281 -0.48 -23.10 -15.67
C TYR A 281 -1.87 -23.09 -15.11
N ASP A 282 -2.51 -24.24 -15.08
CA ASP A 282 -3.78 -24.32 -14.37
C ASP A 282 -3.46 -24.80 -12.95
N ASN B 5 -28.50 -36.90 9.46
CA ASN B 5 -29.11 -35.58 9.57
C ASN B 5 -28.45 -34.58 8.61
N SER B 6 -27.95 -35.14 7.51
CA SER B 6 -27.42 -34.37 6.41
C SER B 6 -28.26 -34.72 5.20
N TYR B 7 -28.51 -33.72 4.37
CA TYR B 7 -29.22 -33.89 3.11
C TYR B 7 -28.20 -33.77 2.00
N TYR B 8 -28.29 -34.65 1.00
CA TYR B 8 -27.43 -34.59 -0.19
C TYR B 8 -28.24 -34.56 -1.47
N SER B 9 -27.98 -33.56 -2.32
CA SER B 9 -28.55 -33.53 -3.68
C SER B 9 -27.94 -34.65 -4.52
N SER B 10 -28.58 -34.99 -5.63
CA SER B 10 -27.96 -35.96 -6.52
C SER B 10 -26.70 -35.33 -7.14
N PRO B 11 -25.68 -36.15 -7.44
CA PRO B 11 -24.49 -35.68 -8.19
C PRO B 11 -24.85 -34.95 -9.50
N ALA B 12 -26.01 -35.31 -10.06
CA ALA B 12 -26.50 -34.72 -11.30
C ALA B 12 -26.79 -33.21 -11.20
N GLN B 13 -27.00 -32.70 -9.98
CA GLN B 13 -27.31 -31.27 -9.80
C GLN B 13 -26.06 -30.40 -9.90
N GLN B 14 -24.88 -31.02 -9.71
CA GLN B 14 -23.59 -30.33 -9.77
C GLN B 14 -23.59 -29.05 -8.94
N VAL B 15 -24.06 -29.19 -7.70
CA VAL B 15 -23.99 -28.13 -6.70
C VAL B 15 -22.55 -27.62 -6.57
N PRO B 16 -22.34 -26.29 -6.69
CA PRO B 16 -20.98 -25.78 -6.70
C PRO B 16 -20.22 -25.98 -5.37
N LYS B 17 -18.97 -26.44 -5.47
CA LYS B 17 -18.10 -26.46 -4.34
C LYS B 17 -17.80 -25.03 -3.82
N ASN B 18 -17.62 -24.11 -4.75
CA ASN B 18 -17.33 -22.70 -4.43
C ASN B 18 -18.40 -21.80 -5.09
N PRO B 19 -19.49 -21.51 -4.35
CA PRO B 19 -20.60 -20.74 -4.95
C PRO B 19 -20.13 -19.38 -5.48
N ALA B 20 -19.25 -18.65 -4.76
CA ALA B 20 -18.88 -17.32 -5.22
C ALA B 20 -18.09 -17.43 -6.52
N LEU B 21 -17.23 -18.46 -6.65
CA LEU B 21 -16.43 -18.61 -7.87
C LEU B 21 -17.35 -18.93 -9.06
N GLU B 22 -18.29 -19.86 -8.87
CA GLU B 22 -19.16 -20.26 -9.97
C GLU B 22 -20.07 -19.11 -10.42
N ALA B 23 -20.56 -18.30 -9.47
CA ALA B 23 -21.41 -17.17 -9.84
C ALA B 23 -20.56 -16.15 -10.60
N PHE B 24 -19.33 -15.87 -10.14
CA PHE B 24 -18.46 -14.92 -10.85
C PHE B 24 -18.24 -15.38 -12.30
N LEU B 25 -17.94 -16.67 -12.48
CA LEU B 25 -17.60 -17.12 -13.85
C LEU B 25 -18.77 -16.91 -14.79
N ALA B 26 -19.96 -17.20 -14.27
CA ALA B 26 -21.20 -17.08 -15.08
C ALA B 26 -21.46 -15.61 -15.42
N GLN B 27 -21.33 -14.73 -14.43
CA GLN B 27 -21.62 -13.32 -14.67
C GLN B 27 -20.54 -12.65 -15.52
N PHE B 28 -19.27 -13.04 -15.30
CA PHE B 28 -18.17 -12.46 -16.07
C PHE B 28 -18.31 -12.85 -17.54
N SER B 29 -18.77 -14.10 -17.81
CA SER B 29 -19.01 -14.51 -19.18
C SER B 29 -20.11 -13.62 -19.83
N GLN B 30 -21.16 -13.34 -19.08
CA GLN B 30 -22.30 -12.55 -19.59
C GLN B 30 -21.85 -11.11 -19.85
N LEU B 31 -20.83 -10.64 -19.13
CA LEU B 31 -20.31 -9.29 -19.42
C LEU B 31 -19.74 -9.10 -20.81
N GLU B 32 -19.18 -10.15 -21.37
CA GLU B 32 -18.61 -10.06 -22.66
C GLU B 32 -19.66 -9.64 -23.69
N ASP B 33 -20.90 -10.07 -23.50
CA ASP B 33 -21.93 -9.69 -24.45
C ASP B 33 -22.38 -8.24 -24.27
N LYS B 34 -22.24 -7.70 -23.06
CA LYS B 34 -22.61 -6.31 -22.80
C LYS B 34 -21.52 -5.34 -23.28
N PHE B 35 -20.28 -5.85 -23.44
CA PHE B 35 -19.11 -5.04 -23.81
C PHE B 35 -18.40 -5.63 -25.01
N PRO B 36 -19.02 -5.53 -26.18
CA PRO B 36 -18.37 -6.01 -27.40
C PRO B 36 -17.14 -5.18 -27.74
N GLY B 37 -16.29 -5.76 -28.60
CA GLY B 37 -15.18 -5.02 -29.17
C GLY B 37 -13.96 -4.84 -28.28
N GLN B 38 -13.84 -5.65 -27.24
CA GLN B 38 -12.66 -5.57 -26.37
C GLN B 38 -11.58 -6.59 -26.78
N SER B 39 -10.34 -6.32 -26.34
CA SER B 39 -9.21 -7.22 -26.54
C SER B 39 -9.55 -8.59 -25.96
N SER B 40 -9.30 -9.67 -26.71
CA SER B 40 -9.50 -10.98 -26.11
C SER B 40 -8.67 -11.18 -24.81
N PHE B 41 -7.48 -10.59 -24.68
CA PHE B 41 -6.72 -10.82 -23.46
C PHE B 41 -7.37 -10.13 -22.25
N LEU B 42 -8.20 -9.11 -22.47
CA LEU B 42 -8.93 -8.55 -21.33
C LEU B 42 -9.83 -9.61 -20.67
N TRP B 43 -10.62 -10.34 -21.45
CA TRP B 43 -11.49 -11.33 -20.85
C TRP B 43 -10.69 -12.54 -20.34
N GLN B 44 -9.68 -12.97 -21.10
CA GLN B 44 -8.92 -14.16 -20.71
C GLN B 44 -8.12 -13.88 -19.43
N ARG B 45 -7.31 -12.82 -19.42
CA ARG B 45 -6.51 -12.55 -18.24
C ARG B 45 -7.35 -12.12 -17.07
N GLY B 46 -8.39 -11.32 -17.31
CA GLY B 46 -9.24 -10.91 -16.18
C GLY B 46 -9.91 -12.10 -15.51
N ARG B 47 -10.43 -13.04 -16.31
CA ARG B 47 -11.07 -14.21 -15.74
C ARG B 47 -10.04 -15.00 -14.94
N LYS B 48 -8.87 -15.28 -15.52
CA LYS B 48 -7.90 -16.15 -14.80
C LYS B 48 -7.40 -15.50 -13.53
N PHE B 49 -7.18 -14.20 -13.58
CA PHE B 49 -6.66 -13.48 -12.39
C PHE B 49 -7.70 -13.47 -11.25
N LEU B 50 -8.96 -13.07 -11.57
CA LEU B 50 -9.95 -13.06 -10.51
C LEU B 50 -10.37 -14.44 -10.03
N GLN B 51 -10.41 -15.43 -10.94
CA GLN B 51 -10.73 -16.81 -10.57
C GLN B 51 -9.71 -17.34 -9.54
N LYS B 52 -8.43 -17.01 -9.75
CA LYS B 52 -7.39 -17.53 -8.86
C LYS B 52 -7.62 -17.02 -7.46
N HIS B 53 -8.01 -15.75 -7.34
CA HIS B 53 -8.27 -15.14 -6.07
CA HIS B 53 -8.24 -15.12 -6.05
C HIS B 53 -9.54 -15.69 -5.41
N LEU B 54 -10.61 -15.85 -6.18
CA LEU B 54 -11.84 -16.40 -5.63
C LEU B 54 -11.69 -17.85 -5.18
N ASN B 55 -10.77 -18.57 -5.82
CA ASN B 55 -10.59 -19.99 -5.49
C ASN B 55 -9.62 -20.19 -4.33
N ALA B 56 -8.95 -19.14 -3.89
CA ALA B 56 -7.95 -19.24 -2.84
C ALA B 56 -8.60 -19.36 -1.48
N SER B 57 -8.26 -20.42 -0.77
CA SER B 57 -8.77 -20.61 0.58
C SER B 57 -8.20 -19.59 1.54
N ASN B 58 -6.93 -19.26 1.35
CA ASN B 58 -6.32 -18.29 2.27
C ASN B 58 -5.46 -17.34 1.45
N PRO B 59 -6.08 -16.40 0.74
CA PRO B 59 -5.30 -15.56 -0.17
C PRO B 59 -4.23 -14.76 0.56
N THR B 60 -3.09 -14.59 -0.09
CA THR B 60 -1.97 -13.87 0.51
C THR B 60 -2.05 -12.37 0.22
N GLU B 61 -2.86 -11.97 -0.76
CA GLU B 61 -2.96 -10.56 -1.15
C GLU B 61 -4.24 -10.37 -1.94
N PRO B 62 -4.75 -9.14 -1.95
CA PRO B 62 -5.97 -8.83 -2.71
C PRO B 62 -5.72 -8.84 -4.20
N ALA B 63 -6.80 -8.90 -4.95
CA ALA B 63 -6.73 -8.85 -6.41
C ALA B 63 -6.89 -7.42 -6.91
N THR B 64 -5.84 -6.83 -7.45
CA THR B 64 -5.91 -5.43 -7.95
C THR B 64 -5.75 -5.43 -9.46
N ILE B 65 -6.72 -4.80 -10.15
N ILE B 65 -6.62 -4.72 -10.15
CA ILE B 65 -6.74 -4.69 -11.62
CA ILE B 65 -6.65 -4.77 -11.60
C ILE B 65 -6.76 -3.22 -11.98
C ILE B 65 -6.88 -3.33 -12.10
N ILE B 66 -6.06 -2.85 -13.04
CA ILE B 66 -6.25 -1.50 -13.66
C ILE B 66 -6.89 -1.65 -15.02
N PHE B 67 -8.01 -0.96 -15.22
CA PHE B 67 -8.58 -0.76 -16.57
C PHE B 67 -8.23 0.64 -17.05
N THR B 68 -7.88 0.79 -18.34
CA THR B 68 -7.57 2.11 -18.88
C THR B 68 -8.26 2.31 -20.22
N ALA B 69 -8.61 3.53 -20.54
CA ALA B 69 -9.21 3.88 -21.83
C ALA B 69 -8.69 5.22 -22.23
N ALA B 70 -8.75 5.48 -23.53
CA ALA B 70 -8.56 6.85 -24.02
C ALA B 70 -9.84 7.67 -23.83
N ARG B 71 -9.80 8.97 -24.14
CA ARG B 71 -10.94 9.82 -23.85
C ARG B 71 -12.21 9.34 -24.55
N GLU B 72 -12.08 8.77 -25.75
CA GLU B 72 -13.30 8.33 -26.47
C GLU B 72 -13.99 7.15 -25.78
N GLY B 73 -13.28 6.48 -24.86
CA GLY B 73 -13.88 5.34 -24.16
C GLY B 73 -14.23 5.62 -22.70
N ARG B 74 -14.38 6.89 -22.36
CA ARG B 74 -14.52 7.22 -20.93
C ARG B 74 -15.80 6.66 -20.25
N GLU B 75 -16.95 6.64 -20.94
N GLU B 75 -16.93 6.64 -20.95
CA GLU B 75 -18.14 6.07 -20.29
CA GLU B 75 -18.13 6.10 -20.32
C GLU B 75 -18.05 4.56 -20.15
C GLU B 75 -18.07 4.58 -20.18
N THR B 76 -17.49 3.94 -21.19
CA THR B 76 -17.32 2.46 -21.19
C THR B 76 -16.35 2.08 -20.05
N LEU B 77 -15.31 2.88 -19.84
CA LEU B 77 -14.35 2.60 -18.77
C LEU B 77 -15.06 2.58 -17.43
N LYS B 78 -15.90 3.59 -17.15
N LYS B 78 -15.91 3.58 -17.18
CA LYS B 78 -16.61 3.65 -15.89
CA LYS B 78 -16.62 3.67 -15.91
C LYS B 78 -17.52 2.44 -15.71
C LYS B 78 -17.58 2.51 -15.70
N CYS B 79 -18.26 2.13 -16.78
CA CYS B 79 -19.26 1.08 -16.73
C CYS B 79 -18.64 -0.33 -16.56
N LEU B 80 -17.63 -0.60 -17.37
CA LEU B 80 -16.98 -1.93 -17.34
C LEU B 80 -16.32 -2.15 -15.99
N SER B 81 -15.59 -1.14 -15.51
N SER B 81 -15.61 -1.15 -15.49
CA SER B 81 -14.87 -1.28 -14.21
CA SER B 81 -14.92 -1.31 -14.20
C SER B 81 -15.87 -1.55 -13.05
C SER B 81 -15.88 -1.56 -13.05
N HIS B 82 -16.99 -0.83 -13.02
CA HIS B 82 -18.00 -1.07 -12.02
C HIS B 82 -18.56 -2.51 -12.11
N HIS B 83 -18.91 -2.94 -13.33
CA HIS B 83 -19.49 -4.25 -13.48
C HIS B 83 -18.51 -5.36 -13.14
N VAL B 84 -17.22 -5.16 -13.39
CA VAL B 84 -16.24 -6.19 -13.02
C VAL B 84 -16.15 -6.27 -11.49
N ALA B 85 -16.09 -5.12 -10.83
CA ALA B 85 -16.06 -5.14 -9.36
C ALA B 85 -17.35 -5.77 -8.81
N ASP B 86 -18.49 -5.47 -9.44
CA ASP B 86 -19.74 -6.05 -8.95
C ASP B 86 -19.78 -7.59 -9.17
N ALA B 87 -19.21 -8.06 -10.29
CA ALA B 87 -19.19 -9.49 -10.58
C ALA B 87 -18.36 -10.29 -9.58
N TYR B 88 -17.44 -9.64 -8.90
CA TYR B 88 -16.67 -10.33 -7.87
C TYR B 88 -17.59 -10.87 -6.78
N THR B 89 -18.71 -10.17 -6.50
CA THR B 89 -19.72 -10.69 -5.58
C THR B 89 -21.04 -11.06 -6.30
N SER B 90 -20.89 -11.73 -7.43
N SER B 90 -20.95 -11.75 -7.42
CA SER B 90 -21.97 -12.24 -8.24
CA SER B 90 -22.15 -12.10 -8.16
C SER B 90 -23.03 -13.01 -7.46
C SER B 90 -23.11 -13.02 -7.40
N SER B 91 -22.56 -13.79 -6.49
CA SER B 91 -23.35 -14.63 -5.58
C SER B 91 -24.05 -13.92 -4.40
N GLN B 92 -23.87 -12.61 -4.22
CA GLN B 92 -24.62 -11.78 -3.25
C GLN B 92 -25.37 -10.46 -3.76
N LYS B 93 -26.21 -9.83 -2.92
CA LYS B 93 -26.68 -8.42 -3.16
C LYS B 93 -25.54 -7.43 -2.93
N VAL B 94 -24.53 -7.88 -2.20
CA VAL B 94 -23.38 -7.02 -1.87
C VAL B 94 -22.81 -6.38 -3.10
N SER B 95 -22.53 -5.09 -3.03
CA SER B 95 -22.13 -4.24 -4.17
C SER B 95 -20.76 -3.63 -3.92
N PRO B 96 -20.11 -3.09 -4.95
CA PRO B 96 -18.77 -2.53 -4.71
C PRO B 96 -18.78 -1.24 -3.90
N ILE B 97 -17.68 -1.02 -3.17
CA ILE B 97 -17.36 0.33 -2.65
C ILE B 97 -17.02 1.19 -3.83
N GLN B 98 -17.58 2.39 -3.93
CA GLN B 98 -17.29 3.24 -5.09
C GLN B 98 -16.55 4.48 -4.65
N ILE B 99 -15.40 4.76 -5.26
CA ILE B 99 -14.63 5.98 -4.99
C ILE B 99 -14.28 6.60 -6.32
N ASP B 100 -14.24 7.93 -6.40
CA ASP B 100 -13.93 8.59 -7.68
C ASP B 100 -12.92 9.69 -7.45
N GLY B 101 -11.79 9.60 -8.13
CA GLY B 101 -10.78 10.64 -8.07
C GLY B 101 -11.03 11.86 -8.94
N ALA B 102 -12.02 11.80 -9.83
CA ALA B 102 -12.26 12.92 -10.73
C ALA B 102 -12.44 14.24 -9.99
N GLY B 103 -11.75 15.25 -10.47
CA GLY B 103 -11.89 16.56 -9.88
C GLY B 103 -11.18 16.77 -8.56
N ARG B 104 -10.47 15.76 -8.07
CA ARG B 104 -9.79 15.87 -6.78
C ARG B 104 -8.37 16.36 -6.81
N THR B 105 -7.84 16.68 -7.99
CA THR B 105 -6.41 16.92 -8.15
C THR B 105 -5.86 18.01 -7.23
N TRP B 106 -6.65 19.05 -7.02
CA TRP B 106 -6.17 20.16 -6.17
C TRP B 106 -6.77 20.16 -4.78
N GLN B 107 -7.46 19.09 -4.41
CA GLN B 107 -7.90 18.96 -3.03
C GLN B 107 -6.70 18.66 -2.12
N ASP B 108 -6.87 18.97 -0.85
CA ASP B 108 -5.84 18.73 0.14
C ASP B 108 -5.50 17.23 0.21
N SER B 109 -4.22 16.90 0.04
CA SER B 109 -3.80 15.52 -0.08
C SER B 109 -4.15 14.71 1.16
N ASP B 110 -3.82 15.22 2.35
CA ASP B 110 -4.10 14.45 3.57
C ASP B 110 -5.59 14.22 3.76
N THR B 111 -6.41 15.22 3.40
CA THR B 111 -7.87 15.10 3.47
C THR B 111 -8.38 13.95 2.59
N VAL B 112 -7.87 13.90 1.35
CA VAL B 112 -8.32 12.85 0.43
C VAL B 112 -7.76 11.49 0.90
N LYS B 113 -6.54 11.46 1.43
CA LYS B 113 -5.94 10.22 1.92
C LYS B 113 -6.82 9.60 3.02
N LEU B 114 -7.31 10.46 3.94
CA LEU B 114 -8.18 9.99 5.01
C LEU B 114 -9.53 9.50 4.46
N LEU B 115 -10.12 10.25 3.52
CA LEU B 115 -11.39 9.84 2.93
C LEU B 115 -11.27 8.44 2.28
N VAL B 116 -10.24 8.28 1.45
CA VAL B 116 -10.07 6.98 0.76
C VAL B 116 -9.86 5.86 1.79
N ASP B 117 -9.02 6.09 2.76
CA ASP B 117 -8.74 5.08 3.77
C ASP B 117 -10.03 4.66 4.51
N LEU B 118 -10.83 5.63 4.95
CA LEU B 118 -12.00 5.28 5.70
C LEU B 118 -13.08 4.64 4.83
N GLU B 119 -13.22 5.09 3.58
CA GLU B 119 -14.24 4.44 2.73
C GLU B 119 -13.88 3.00 2.43
N LEU B 120 -12.60 2.75 2.15
CA LEU B 120 -12.21 1.35 1.90
C LEU B 120 -12.32 0.53 3.16
N SER B 121 -11.72 1.01 4.27
CA SER B 121 -11.70 0.17 5.47
C SER B 121 -13.12 -0.12 5.99
N TYR B 122 -13.96 0.91 6.08
CA TYR B 122 -15.30 0.66 6.60
C TYR B 122 -16.08 -0.36 5.72
N GLY B 123 -16.00 -0.20 4.41
CA GLY B 123 -16.71 -1.11 3.52
C GLY B 123 -16.20 -2.53 3.68
N PHE B 124 -14.88 -2.70 3.68
CA PHE B 124 -14.34 -4.06 3.79
C PHE B 124 -14.58 -4.67 5.18
N GLU B 125 -14.64 -3.84 6.23
CA GLU B 125 -14.99 -4.32 7.56
C GLU B 125 -16.41 -4.77 7.70
N ASN B 126 -17.28 -4.29 6.82
CA ASN B 126 -18.71 -4.55 6.95
C ASN B 126 -19.27 -5.38 5.80
N GLY B 127 -18.45 -6.18 5.17
CA GLY B 127 -18.99 -7.20 4.29
C GLY B 127 -18.78 -7.01 2.82
N GLN B 128 -18.39 -5.81 2.41
CA GLN B 128 -18.15 -5.62 0.95
C GLN B 128 -16.80 -6.28 0.60
N LYS B 129 -16.71 -6.82 -0.61
CA LYS B 129 -15.51 -7.57 -1.04
C LYS B 129 -14.80 -6.94 -2.23
N ALA B 130 -15.33 -5.84 -2.78
CA ALA B 130 -14.64 -5.19 -3.90
C ALA B 130 -14.83 -3.70 -3.83
N ALA B 131 -13.85 -2.98 -4.37
CA ALA B 131 -13.94 -1.54 -4.56
C ALA B 131 -13.67 -1.22 -5.99
N VAL B 132 -14.35 -0.19 -6.51
CA VAL B 132 -13.97 0.40 -7.80
C VAL B 132 -13.52 1.81 -7.52
N VAL B 133 -12.31 2.11 -7.98
CA VAL B 133 -11.67 3.42 -7.75
C VAL B 133 -11.44 4.08 -9.11
N HIS B 134 -12.37 4.95 -9.47
CA HIS B 134 -12.35 5.60 -10.77
C HIS B 134 -11.35 6.73 -10.84
N HIS B 135 -10.71 6.91 -11.99
CA HIS B 135 -9.88 8.11 -12.25
C HIS B 135 -8.76 8.27 -11.25
N PHE B 136 -8.03 7.19 -11.09
CA PHE B 136 -6.88 7.14 -10.20
C PHE B 136 -5.88 8.23 -10.51
N GLU B 137 -5.73 8.59 -11.80
CA GLU B 137 -4.75 9.61 -12.21
C GLU B 137 -5.07 11.02 -11.69
N SER B 138 -6.28 11.19 -11.19
CA SER B 138 -6.75 12.50 -10.78
C SER B 138 -6.70 12.75 -9.29
N PHE B 139 -6.29 11.76 -8.49
CA PHE B 139 -6.10 12.02 -7.05
C PHE B 139 -4.92 12.95 -6.82
N PRO B 140 -4.92 13.68 -5.68
CA PRO B 140 -3.66 14.33 -5.26
C PRO B 140 -2.57 13.28 -5.16
N ALA B 141 -1.37 13.59 -5.66
CA ALA B 141 -0.37 12.53 -5.74
C ALA B 141 -0.05 11.90 -4.37
N GLY B 142 0.10 12.69 -3.32
CA GLY B 142 0.50 12.13 -2.04
C GLY B 142 -0.54 11.19 -1.47
N SER B 143 -1.81 11.48 -1.76
CA SER B 143 -2.87 10.67 -1.17
C SER B 143 -2.80 9.21 -1.63
N THR B 144 -2.24 9.00 -2.84
CA THR B 144 -2.25 7.63 -3.42
C THR B 144 -1.29 6.73 -2.68
N LEU B 145 -0.44 7.27 -1.79
CA LEU B 145 0.40 6.42 -0.92
C LEU B 145 -0.47 5.51 -0.07
N ILE B 146 -1.75 5.84 0.15
CA ILE B 146 -2.64 4.94 0.92
C ILE B 146 -2.82 3.62 0.23
N PHE B 147 -2.60 3.58 -1.09
CA PHE B 147 -2.77 2.28 -1.75
C PHE B 147 -1.63 1.31 -1.41
N TYR B 148 -0.49 1.78 -0.87
CA TYR B 148 0.43 0.77 -0.28
C TYR B 148 -0.30 -0.08 0.79
N LYS B 149 -1.15 0.56 1.61
CA LYS B 149 -1.81 -0.12 2.74
C LYS B 149 -2.68 -1.26 2.20
N TYR B 150 -3.36 -0.98 1.07
CA TYR B 150 -4.34 -1.91 0.55
C TYR B 150 -3.82 -2.93 -0.46
N CYS B 151 -2.67 -2.66 -1.05
CA CYS B 151 -2.25 -3.45 -2.24
C CYS B 151 -0.90 -4.13 -2.07
N ASP B 152 -0.30 -4.05 -0.87
CA ASP B 152 0.97 -4.77 -0.65
C ASP B 152 0.81 -6.29 -0.90
N HIS B 153 1.85 -6.93 -1.43
CA HIS B 153 1.72 -8.38 -1.73
C HIS B 153 1.79 -9.27 -0.52
N GLU B 154 2.25 -8.76 0.63
CA GLU B 154 2.36 -9.56 1.85
C GLU B 154 1.53 -9.06 3.01
N ASN B 155 1.46 -7.74 3.15
CA ASN B 155 0.93 -7.18 4.39
C ASN B 155 -0.28 -6.29 4.15
N ALA B 156 -1.03 -6.59 3.11
CA ALA B 156 -2.22 -5.80 2.82
C ALA B 156 -3.24 -5.80 3.97
N ALA B 157 -3.93 -4.68 4.14
CA ALA B 157 -4.93 -4.63 5.21
C ALA B 157 -6.04 -5.69 5.09
N PHE B 158 -6.48 -5.93 3.84
CA PHE B 158 -7.54 -6.92 3.58
C PHE B 158 -7.12 -7.78 2.43
N LYS B 159 -6.93 -9.07 2.70
CA LYS B 159 -6.36 -9.93 1.65
C LYS B 159 -7.39 -10.61 0.74
N ASP B 160 -8.63 -10.66 1.20
N ASP B 160 -8.65 -10.66 1.15
CA ASP B 160 -9.67 -11.41 0.53
CA ASP B 160 -9.61 -11.46 0.41
C ASP B 160 -10.63 -10.42 -0.13
C ASP B 160 -10.57 -10.59 -0.44
N VAL B 161 -10.09 -9.42 -0.82
CA VAL B 161 -10.92 -8.44 -1.59
C VAL B 161 -10.32 -8.14 -2.96
N ALA B 162 -11.10 -7.45 -3.79
CA ALA B 162 -10.63 -7.00 -5.09
C ALA B 162 -10.66 -5.49 -5.15
N LEU B 163 -9.69 -4.91 -5.83
CA LEU B 163 -9.65 -3.46 -6.03
C LEU B 163 -9.52 -3.24 -7.53
N VAL B 164 -10.52 -2.58 -8.09
CA VAL B 164 -10.54 -2.29 -9.52
C VAL B 164 -10.27 -0.82 -9.69
N LEU B 165 -9.13 -0.47 -10.29
CA LEU B 165 -8.69 0.94 -10.44
C LEU B 165 -8.90 1.34 -11.90
N THR B 166 -9.26 2.59 -12.19
CA THR B 166 -9.28 3.01 -13.61
C THR B 166 -8.37 4.22 -13.84
N VAL B 167 -7.78 4.28 -15.02
CA VAL B 167 -6.96 5.40 -15.43
C VAL B 167 -7.48 5.86 -16.78
N LEU B 168 -7.86 7.14 -16.87
CA LEU B 168 -8.26 7.73 -18.13
C LEU B 168 -7.04 8.40 -18.79
N LEU B 169 -6.65 7.91 -19.94
CA LEU B 169 -5.48 8.49 -20.65
C LEU B 169 -5.79 9.88 -21.21
N GLU B 170 -4.75 10.61 -21.56
CA GLU B 170 -4.98 11.94 -22.14
C GLU B 170 -5.26 11.92 -23.64
N GLU B 171 -4.88 10.86 -24.32
CA GLU B 171 -5.10 10.84 -25.76
C GLU B 171 -6.56 10.56 -26.09
N GLU B 172 -6.93 10.83 -27.34
CA GLU B 172 -8.33 10.68 -27.71
C GLU B 172 -8.67 9.23 -27.99
N THR B 173 -7.72 8.50 -28.58
CA THR B 173 -8.02 7.11 -28.96
C THR B 173 -6.90 6.17 -28.56
N LEU B 174 -7.27 4.91 -28.42
CA LEU B 174 -6.34 3.87 -28.06
C LEU B 174 -6.42 2.83 -29.20
N GLU B 175 -5.30 2.48 -29.85
CA GLU B 175 -5.42 1.54 -30.98
C GLU B 175 -5.99 0.19 -30.57
N ALA B 176 -6.89 -0.36 -31.39
CA ALA B 176 -7.59 -1.62 -31.02
C ALA B 176 -6.61 -2.77 -30.81
N SER B 177 -5.47 -2.71 -31.49
CA SER B 177 -4.51 -3.80 -31.43
C SER B 177 -3.46 -3.59 -30.33
N VAL B 178 -3.62 -2.56 -29.49
CA VAL B 178 -2.60 -2.33 -28.45
C VAL B 178 -2.43 -3.56 -27.56
N GLY B 179 -1.20 -3.93 -27.31
CA GLY B 179 -0.95 -5.14 -26.54
C GLY B 179 -0.78 -4.86 -25.07
N PRO B 180 -0.58 -5.92 -24.32
CA PRO B 180 -0.52 -5.77 -22.86
C PRO B 180 0.64 -4.88 -22.39
N ARG B 181 1.85 -5.08 -22.91
CA ARG B 181 2.96 -4.27 -22.39
C ARG B 181 2.81 -2.82 -22.83
N GLU B 182 2.37 -2.55 -24.07
CA GLU B 182 2.23 -1.14 -24.46
C GLU B 182 1.16 -0.43 -23.64
N THR B 183 0.08 -1.15 -23.33
CA THR B 183 -0.98 -0.59 -22.50
C THR B 183 -0.42 -0.22 -21.12
N GLU B 184 0.33 -1.14 -20.52
CA GLU B 184 0.95 -0.91 -19.23
C GLU B 184 1.93 0.27 -19.30
N GLU B 185 2.72 0.39 -20.39
CA GLU B 185 3.68 1.52 -20.53
C GLU B 185 2.93 2.86 -20.58
N LYS B 186 1.79 2.89 -21.30
CA LYS B 186 1.01 4.14 -21.37
C LYS B 186 0.55 4.60 -20.00
N VAL B 187 0.02 3.68 -19.21
CA VAL B 187 -0.47 4.02 -17.87
C VAL B 187 0.70 4.45 -16.99
N ARG B 188 1.78 3.67 -17.00
CA ARG B 188 3.00 3.98 -16.25
C ARG B 188 3.46 5.42 -16.57
N ASP B 189 3.55 5.73 -17.86
CA ASP B 189 4.12 7.05 -18.21
C ASP B 189 3.18 8.18 -17.80
N LEU B 190 1.86 7.95 -17.88
CA LEU B 190 0.91 9.00 -17.49
C LEU B 190 1.03 9.20 -15.99
N LEU B 191 1.07 8.13 -15.18
CA LEU B 191 1.16 8.35 -13.71
C LEU B 191 2.46 9.02 -13.32
N TRP B 192 3.61 8.67 -13.93
CA TRP B 192 4.86 9.38 -13.56
C TRP B 192 4.75 10.87 -13.95
N ALA B 193 4.13 11.15 -15.07
CA ALA B 193 3.96 12.56 -15.50
C ALA B 193 3.06 13.34 -14.54
N LYS B 194 1.95 12.73 -14.11
CA LYS B 194 1.02 13.43 -13.21
C LYS B 194 1.51 13.53 -11.76
N PHE B 195 2.17 12.49 -11.27
CA PHE B 195 2.41 12.39 -9.82
C PHE B 195 3.80 12.85 -9.39
N THR B 196 4.67 13.15 -10.38
N THR B 196 4.75 12.92 -10.29
CA THR B 196 6.00 13.73 -10.15
CA THR B 196 6.10 13.25 -9.85
C THR B 196 6.37 14.94 -11.06
C THR B 196 6.32 14.71 -10.18
N ASN B 197 7.30 15.78 -10.60
N ASN B 197 5.26 15.34 -10.66
CA ASN B 197 7.76 16.99 -11.29
CA ASN B 197 5.26 16.72 -11.07
C ASN B 197 9.17 16.87 -11.82
C ASN B 197 5.45 17.58 -9.84
N SER B 198 9.92 15.90 -11.29
N SER B 198 6.68 18.08 -9.68
CA SER B 198 11.30 15.64 -11.62
CA SER B 198 7.01 18.94 -8.54
C SER B 198 11.64 14.30 -10.98
C SER B 198 6.47 20.36 -8.71
N ASP B 199 12.92 13.90 -11.00
N ASP B 199 5.98 20.69 -9.90
CA ASP B 199 13.32 12.65 -10.33
CA ASP B 199 5.39 22.02 -10.10
C ASP B 199 13.83 12.91 -8.92
C ASP B 199 3.90 21.99 -9.79
N THR B 200 13.84 14.17 -8.52
N THR B 200 3.58 21.70 -8.52
CA THR B 200 14.43 14.51 -7.23
CA THR B 200 2.22 21.49 -8.07
C THR B 200 13.53 14.02 -6.11
C THR B 200 2.08 22.07 -6.65
N PRO B 201 14.12 13.53 -5.03
N PRO B 201 0.85 22.42 -6.24
CA PRO B 201 13.35 13.04 -3.88
CA PRO B 201 0.69 22.96 -4.88
C PRO B 201 12.57 14.14 -3.17
C PRO B 201 1.17 22.01 -3.80
N THR B 202 11.48 13.77 -2.52
N THR B 202 1.56 22.58 -2.67
CA THR B 202 10.70 14.69 -1.70
CA THR B 202 2.11 21.81 -1.56
C THR B 202 10.52 14.16 -0.28
C THR B 202 1.11 20.77 -1.07
N SER B 203 9.90 14.94 0.58
N SER B 203 -0.14 21.17 -1.10
CA SER B 203 9.77 14.47 1.96
CA SER B 203 -1.20 20.36 -0.56
C SER B 203 8.71 13.40 2.07
C SER B 203 -1.48 19.15 -1.44
N PHE B 204 8.59 12.84 3.25
N PHE B 204 -0.82 19.04 -2.61
CA PHE B 204 7.88 11.56 3.46
CA PHE B 204 -0.94 17.91 -3.56
C PHE B 204 6.41 11.57 3.04
C PHE B 204 0.04 16.83 -3.17
N ASN B 205 5.76 12.73 3.08
N ASN B 205 1.05 17.20 -2.39
CA ASN B 205 4.32 12.83 2.89
CA ASN B 205 2.05 16.21 -1.97
C ASN B 205 3.94 13.10 1.43
C ASN B 205 2.59 15.34 -3.15
N HIS B 206 4.96 13.29 0.60
N HIS B 206 3.05 15.95 -4.22
CA HIS B 206 4.78 13.66 -0.82
CA HIS B 206 3.68 15.15 -5.25
C HIS B 206 5.18 12.56 -1.78
C HIS B 206 4.72 14.26 -4.58
N MET B 207 4.66 12.57 -3.03
N MET B 207 4.59 13.00 -4.91
CA MET B 207 5.15 11.59 -4.00
CA MET B 207 5.40 12.04 -4.24
C MET B 207 6.54 12.04 -4.61
C MET B 207 6.58 12.02 -5.12
N ASP B 208 7.46 11.10 -4.93
CA ASP B 208 8.62 11.31 -5.82
C ASP B 208 8.78 10.02 -6.66
N SER B 209 9.70 10.00 -7.61
CA SER B 209 9.80 8.84 -8.53
C SER B 209 10.09 7.55 -7.75
N ASP B 210 10.98 7.64 -6.74
CA ASP B 210 11.36 6.44 -5.98
C ASP B 210 10.12 5.93 -5.20
N LYS B 211 9.31 6.83 -4.61
CA LYS B 211 8.10 6.33 -3.92
C LYS B 211 7.03 5.82 -4.90
N LEU B 212 6.95 6.47 -6.05
CA LEU B 212 5.96 6.04 -7.03
C LEU B 212 6.32 4.65 -7.56
N SER B 213 7.61 4.31 -7.62
CA SER B 213 7.96 2.98 -8.08
C SER B 213 7.37 1.86 -7.21
N GLY B 214 7.40 2.04 -5.89
CA GLY B 214 6.80 1.01 -5.01
C GLY B 214 5.28 0.99 -5.04
N LEU B 215 4.63 2.13 -5.35
CA LEU B 215 3.18 2.09 -5.54
C LEU B 215 2.87 1.31 -6.80
N TRP B 216 3.59 1.64 -7.85
CA TRP B 216 3.35 1.02 -9.15
C TRP B 216 3.52 -0.51 -9.09
N SER B 217 4.56 -0.95 -8.40
CA SER B 217 4.78 -2.40 -8.28
C SER B 217 3.73 -3.13 -7.44
N ARG B 218 2.85 -2.42 -6.76
CA ARG B 218 1.73 -3.02 -6.02
C ARG B 218 0.40 -2.96 -6.78
N ILE B 219 0.24 -2.01 -7.71
CA ILE B 219 -1.09 -1.84 -8.34
C ILE B 219 -1.13 -2.27 -9.81
N SER B 220 -0.01 -2.67 -10.41
CA SER B 220 -0.02 -2.90 -11.87
C SER B 220 0.19 -4.36 -12.25
N HIS B 221 -0.44 -5.25 -11.50
CA HIS B 221 -0.45 -6.67 -11.85
C HIS B 221 -1.06 -6.95 -13.21
N LEU B 222 -2.15 -6.24 -13.52
CA LEU B 222 -2.88 -6.49 -14.75
C LEU B 222 -3.43 -5.15 -15.20
N VAL B 223 -2.95 -4.67 -16.35
CA VAL B 223 -3.38 -3.38 -16.89
C VAL B 223 -4.07 -3.65 -18.22
N LEU B 224 -5.35 -3.36 -18.28
CA LEU B 224 -6.17 -3.84 -19.42
C LEU B 224 -6.77 -2.65 -20.17
N PRO B 225 -6.61 -2.63 -21.53
CA PRO B 225 -7.15 -1.53 -22.32
C PRO B 225 -8.64 -1.74 -22.59
N VAL B 226 -9.40 -0.64 -22.65
CA VAL B 226 -10.82 -0.65 -22.88
C VAL B 226 -11.13 0.21 -24.10
N GLN B 227 -11.92 -0.34 -25.01
CA GLN B 227 -12.39 0.36 -26.21
C GLN B 227 -13.83 0.84 -25.99
N PRO B 228 -14.20 1.99 -26.60
CA PRO B 228 -15.60 2.44 -26.47
C PRO B 228 -16.60 1.39 -26.98
N VAL B 229 -17.69 1.27 -26.23
CA VAL B 229 -18.93 0.60 -26.72
C VAL B 229 -19.84 1.75 -27.11
N SER B 230 -20.23 1.86 -28.40
CA SER B 230 -20.93 3.06 -28.86
C SER B 230 -22.17 3.35 -28.05
N SER B 231 -22.96 2.32 -27.75
CA SER B 231 -24.23 2.58 -27.06
C SER B 231 -24.01 3.10 -25.64
N ILE B 232 -22.91 2.71 -25.00
CA ILE B 232 -22.64 3.16 -23.65
C ILE B 232 -22.14 4.61 -23.74
N GLU B 233 -21.29 4.92 -24.73
CA GLU B 233 -20.86 6.32 -24.84
C GLU B 233 -22.07 7.23 -25.15
N GLU B 234 -23.02 6.67 -25.89
CA GLU B 234 -24.19 7.45 -26.30
C GLU B 234 -25.24 7.58 -25.18
N GLN B 235 -25.53 6.48 -24.49
CA GLN B 235 -26.69 6.39 -23.60
C GLN B 235 -26.33 6.33 -22.13
N GLY B 236 -25.05 6.05 -21.82
CA GLY B 236 -24.62 5.84 -20.45
C GLY B 236 -24.69 4.38 -20.05
N CYS B 237 -24.35 4.12 -18.79
CA CYS B 237 -24.34 2.77 -18.26
C CYS B 237 -25.71 2.38 -17.76
N LEU B 238 -26.55 1.77 -18.59
CA LEU B 238 -27.97 1.65 -18.24
C LEU B 238 -28.38 0.25 -17.74
N PHE B 239 -27.42 -0.50 -17.23
CA PHE B 239 -27.68 -1.87 -16.80
C PHE B 239 -26.76 -2.26 -15.64
N VAL C 3 -15.61 2.31 28.27
CA VAL C 3 -15.87 3.49 27.45
C VAL C 3 -17.09 3.30 26.55
N GLN C 4 -17.97 4.31 26.61
CA GLN C 4 -19.23 4.37 25.87
C GLN C 4 -19.33 5.72 25.18
N LEU C 5 -19.92 5.76 24.00
CA LEU C 5 -20.18 6.97 23.27
C LEU C 5 -21.65 7.30 23.39
N VAL C 6 -21.96 8.54 23.75
CA VAL C 6 -23.35 8.95 23.92
C VAL C 6 -23.59 10.22 23.14
N GLU C 7 -24.45 10.17 22.12
CA GLU C 7 -24.74 11.36 21.29
C GLU C 7 -25.93 12.15 21.82
N THR C 8 -25.85 13.46 21.65
CA THR C 8 -26.99 14.35 21.93
C THR C 8 -27.06 15.44 20.87
N GLY C 9 -28.19 16.16 20.83
CA GLY C 9 -28.32 17.30 19.94
C GLY C 9 -29.24 17.13 18.76
N GLY C 10 -29.81 15.95 18.59
CA GLY C 10 -30.70 15.74 17.46
C GLY C 10 -32.06 16.41 17.58
N GLY C 11 -32.86 16.34 16.53
CA GLY C 11 -34.21 16.89 16.56
C GLY C 11 -34.72 17.31 15.19
N LEU C 12 -35.74 18.19 15.15
CA LEU C 12 -36.25 18.72 13.86
C LEU C 12 -35.70 20.10 13.49
N VAL C 13 -35.43 20.33 12.21
CA VAL C 13 -34.85 21.59 11.72
C VAL C 13 -35.62 21.93 10.48
N GLN C 14 -35.74 23.22 10.14
CA GLN C 14 -36.37 23.70 8.92
C GLN C 14 -35.33 23.78 7.85
N ALA C 15 -35.67 23.40 6.62
CA ALA C 15 -34.74 23.48 5.52
C ALA C 15 -34.02 24.82 5.57
N GLY C 16 -32.70 24.81 5.48
CA GLY C 16 -31.92 26.02 5.58
C GLY C 16 -31.35 26.26 6.97
N GLY C 17 -31.94 25.64 7.99
CA GLY C 17 -31.48 25.76 9.37
C GLY C 17 -30.23 24.96 9.79
N SER C 18 -29.91 25.03 11.09
CA SER C 18 -28.63 24.53 11.65
C SER C 18 -28.83 23.64 12.88
N LEU C 19 -27.90 22.72 13.14
CA LEU C 19 -27.99 21.85 14.31
C LEU C 19 -26.57 21.52 14.73
N ARG C 20 -26.32 21.30 16.01
CA ARG C 20 -24.98 20.88 16.45
C ARG C 20 -25.13 19.59 17.23
N LEU C 21 -24.46 18.53 16.76
CA LEU C 21 -24.48 17.27 17.44
C LEU C 21 -23.24 17.18 18.32
N SER C 22 -23.37 16.52 19.46
CA SER C 22 -22.27 16.30 20.38
C SER C 22 -22.20 14.86 20.77
N CYS C 23 -20.97 14.38 20.96
CA CYS C 23 -20.82 13.07 21.54
C CYS C 23 -19.84 13.12 22.69
N ALA C 24 -20.29 12.64 23.84
CA ALA C 24 -19.41 12.48 24.98
C ALA C 24 -18.95 11.04 25.14
N ALA C 25 -17.64 10.83 25.24
CA ALA C 25 -17.13 9.50 25.53
C ALA C 25 -16.83 9.41 27.02
N SER C 26 -17.13 8.27 27.61
CA SER C 26 -16.98 8.11 29.06
C SER C 26 -15.57 7.69 29.44
N GLY C 27 -14.73 7.49 28.43
CA GLY C 27 -13.33 7.21 28.66
C GLY C 27 -12.51 8.21 27.89
N ASN C 28 -11.20 8.21 28.11
CA ASN C 28 -10.33 9.07 27.32
C ASN C 28 -10.44 8.73 25.81
N ILE C 29 -10.31 9.75 24.96
CA ILE C 29 -10.43 9.51 23.51
C ILE C 29 -9.12 9.78 22.77
N PHE C 30 -8.07 10.09 23.52
CA PHE C 30 -6.80 10.47 22.89
C PHE C 30 -6.26 9.34 22.04
N SER C 31 -6.56 8.11 22.43
CA SER C 31 -6.05 6.94 21.75
C SER C 31 -6.86 6.56 20.53
N PHE C 32 -7.91 7.31 20.19
CA PHE C 32 -8.65 6.94 18.99
C PHE C 32 -8.00 7.54 17.73
N ASN C 33 -7.54 6.67 16.84
CA ASN C 33 -6.96 7.13 15.56
C ASN C 33 -7.90 8.09 14.82
N VAL C 34 -9.18 7.74 14.80
CA VAL C 34 -10.16 8.53 14.07
C VAL C 34 -11.47 8.54 14.86
N MET C 35 -12.12 9.69 14.89
CA MET C 35 -13.50 9.75 15.38
C MET C 35 -14.31 10.32 14.25
N GLY C 36 -15.57 9.97 14.19
CA GLY C 36 -16.35 10.49 13.07
C GLY C 36 -17.83 10.36 13.28
N TRP C 37 -18.57 10.82 12.28
CA TRP C 37 -20.03 10.77 12.27
C TRP C 37 -20.48 10.04 11.03
N TYR C 38 -21.44 9.14 11.22
CA TYR C 38 -22.11 8.39 10.17
C TYR C 38 -23.60 8.71 10.21
N ARG C 39 -24.30 8.44 9.13
CA ARG C 39 -25.74 8.63 9.20
C ARG C 39 -26.43 7.51 8.47
N GLN C 40 -27.62 7.15 8.94
CA GLN C 40 -28.43 6.09 8.30
C GLN C 40 -29.85 6.60 8.10
N ALA C 41 -30.23 6.77 6.83
CA ALA C 41 -31.58 7.19 6.44
C ALA C 41 -32.42 5.94 6.17
N PRO C 42 -33.76 6.07 6.21
CA PRO C 42 -34.69 4.96 6.00
C PRO C 42 -34.37 4.09 4.79
N GLY C 43 -34.15 2.79 5.00
CA GLY C 43 -33.96 1.85 3.91
C GLY C 43 -32.62 2.00 3.24
N LYS C 44 -31.69 2.72 3.88
CA LYS C 44 -30.38 2.90 3.26
C LYS C 44 -29.30 2.40 4.18
N GLN C 45 -28.14 2.11 3.59
CA GLN C 45 -26.94 1.77 4.30
C GLN C 45 -26.35 2.99 4.98
N ARG C 46 -25.82 2.72 6.15
CA ARG C 46 -25.08 3.68 6.92
C ARG C 46 -23.90 4.27 6.10
N GLU C 47 -23.72 5.62 6.13
CA GLU C 47 -22.68 6.25 5.32
C GLU C 47 -21.87 7.25 6.10
N LEU C 48 -20.60 7.38 5.74
CA LEU C 48 -19.70 8.37 6.38
C LEU C 48 -20.17 9.79 6.10
N VAL C 49 -20.21 10.61 7.15
CA VAL C 49 -20.48 12.02 6.97
C VAL C 49 -19.20 12.84 7.16
N ALA C 50 -18.47 12.60 8.25
CA ALA C 50 -17.28 13.39 8.51
C ALA C 50 -16.38 12.63 9.46
N ALA C 51 -15.08 12.89 9.40
CA ALA C 51 -14.15 12.23 10.33
C ALA C 51 -12.99 13.14 10.62
N ILE C 52 -12.30 12.82 11.72
CA ILE C 52 -11.19 13.66 12.14
C ILE C 52 -10.16 12.81 12.86
N THR C 53 -8.88 13.04 12.54
CA THR C 53 -7.82 12.31 13.21
C THR C 53 -7.53 12.96 14.61
N SER C 54 -6.67 12.30 15.38
N SER C 54 -6.64 12.30 15.37
CA SER C 54 -6.33 12.87 16.68
CA SER C 54 -6.27 12.83 16.68
C SER C 54 -5.60 14.21 16.50
C SER C 54 -5.38 14.07 16.59
N GLY C 55 -4.90 14.35 15.38
CA GLY C 55 -4.16 15.57 15.05
C GLY C 55 -4.95 16.59 14.23
N ASP C 56 -6.29 16.45 14.20
CA ASP C 56 -7.24 17.45 13.68
C ASP C 56 -7.32 17.57 12.16
N THR C 57 -6.83 16.57 11.42
CA THR C 57 -7.07 16.51 9.99
C THR C 57 -8.46 15.96 9.73
N THR C 58 -9.25 16.66 8.90
CA THR C 58 -10.67 16.33 8.67
C THR C 58 -10.91 15.87 7.28
N THR C 59 -12.00 15.13 7.12
CA THR C 59 -12.52 14.83 5.79
C THR C 59 -14.03 14.71 5.86
N TYR C 60 -14.68 14.92 4.69
CA TYR C 60 -16.13 15.02 4.61
C TYR C 60 -16.61 14.28 3.39
N ALA C 61 -17.77 13.69 3.51
CA ALA C 61 -18.47 13.17 2.35
C ALA C 61 -18.71 14.32 1.35
N ASP C 62 -18.63 14.02 0.06
CA ASP C 62 -18.90 15.05 -0.98
C ASP C 62 -20.21 15.79 -0.75
N SER C 63 -21.24 15.10 -0.26
CA SER C 63 -22.55 15.75 -0.09
C SER C 63 -22.66 16.79 1.02
N VAL C 64 -21.67 16.89 1.93
CA VAL C 64 -21.82 17.84 3.02
C VAL C 64 -20.69 18.87 3.04
N GLN C 65 -19.85 18.84 2.02
CA GLN C 65 -18.68 19.69 1.96
C GLN C 65 -19.11 21.16 1.97
N GLY C 66 -18.51 21.91 2.87
CA GLY C 66 -18.82 23.30 3.04
C GLY C 66 -19.82 23.56 4.14
N ARG C 67 -20.73 22.61 4.36
CA ARG C 67 -21.89 22.89 5.21
C ARG C 67 -21.70 22.37 6.63
N PHE C 68 -20.92 21.29 6.75
CA PHE C 68 -20.71 20.62 8.03
C PHE C 68 -19.28 20.82 8.48
N THR C 69 -19.09 20.90 9.80
CA THR C 69 -17.74 20.98 10.35
C THR C 69 -17.63 20.03 11.53
N ILE C 70 -16.65 19.14 11.47
CA ILE C 70 -16.35 18.27 12.59
C ILE C 70 -15.19 18.82 13.41
N SER C 71 -15.26 18.62 14.72
CA SER C 71 -14.16 19.03 15.62
C SER C 71 -14.09 18.06 16.79
N ARG C 72 -12.95 18.09 17.47
CA ARG C 72 -12.59 17.04 18.41
C ARG C 72 -11.87 17.70 19.55
N ASP C 73 -12.25 17.37 20.77
CA ASP C 73 -11.51 17.84 21.94
C ASP C 73 -10.98 16.69 22.79
N ASN C 74 -9.71 16.29 22.60
CA ASN C 74 -9.21 15.18 23.39
C ASN C 74 -9.27 15.47 24.89
N ALA C 75 -9.23 16.75 25.28
CA ALA C 75 -9.28 17.14 26.70
C ALA C 75 -10.67 17.04 27.33
N LYS C 76 -11.72 17.20 26.54
CA LYS C 76 -13.10 17.05 27.05
C LYS C 76 -13.71 15.68 26.66
N ASN C 77 -12.92 14.81 26.05
CA ASN C 77 -13.44 13.53 25.55
C ASN C 77 -14.73 13.72 24.78
N ALA C 78 -14.70 14.61 23.81
CA ALA C 78 -15.89 14.94 23.03
C ALA C 78 -15.59 15.17 21.55
N VAL C 79 -16.61 14.90 20.73
N VAL C 79 -16.59 14.92 20.71
CA VAL C 79 -16.55 15.15 19.28
CA VAL C 79 -16.46 15.24 19.30
C VAL C 79 -17.83 15.88 18.91
C VAL C 79 -17.80 15.87 18.89
N TYR C 80 -17.75 16.80 17.94
CA TYR C 80 -18.90 17.62 17.59
C TYR C 80 -19.11 17.66 16.11
N LEU C 81 -20.34 17.91 15.67
CA LEU C 81 -20.67 18.06 14.25
C LEU C 81 -21.59 19.26 14.11
N GLN C 82 -21.06 20.36 13.55
CA GLN C 82 -21.88 21.53 13.27
C GLN C 82 -22.46 21.36 11.88
N MET C 83 -23.79 21.34 11.76
CA MET C 83 -24.45 21.14 10.47
C MET C 83 -25.20 22.39 10.06
N ASN C 84 -24.77 23.03 8.97
CA ASN C 84 -25.41 24.26 8.48
C ASN C 84 -26.21 23.96 7.22
N SER C 85 -27.16 24.84 6.85
CA SER C 85 -27.82 24.75 5.55
C SER C 85 -28.48 23.38 5.32
N LEU C 86 -29.21 22.90 6.30
CA LEU C 86 -29.76 21.58 6.21
C LEU C 86 -30.89 21.50 5.20
N THR C 87 -31.07 20.33 4.59
CA THR C 87 -32.20 20.12 3.69
C THR C 87 -32.77 18.73 4.00
N PRO C 88 -33.97 18.38 3.52
CA PRO C 88 -34.56 17.07 3.86
C PRO C 88 -33.67 15.85 3.54
N GLU C 89 -32.75 15.98 2.59
CA GLU C 89 -31.87 14.87 2.24
C GLU C 89 -30.93 14.58 3.40
N ASP C 90 -30.84 15.50 4.37
CA ASP C 90 -29.97 15.24 5.53
C ASP C 90 -30.70 14.50 6.67
N THR C 91 -32.00 14.25 6.50
CA THR C 91 -32.75 13.49 7.51
C THR C 91 -32.18 12.09 7.66
N ALA C 92 -31.86 11.66 8.90
CA ALA C 92 -31.26 10.34 9.15
C ALA C 92 -31.02 10.18 10.66
N VAL C 93 -30.76 8.95 11.11
CA VAL C 93 -30.15 8.74 12.42
C VAL C 93 -28.66 8.97 12.27
N TYR C 94 -28.09 9.82 13.10
CA TYR C 94 -26.65 10.10 13.11
C TYR C 94 -25.96 9.35 14.24
N PHE C 95 -24.83 8.75 13.92
CA PHE C 95 -24.07 7.94 14.86
C PHE C 95 -22.67 8.50 14.97
N CYS C 96 -22.17 8.62 16.18
CA CYS C 96 -20.76 8.86 16.39
C CYS C 96 -19.97 7.52 16.45
N ASN C 97 -18.78 7.53 15.88
CA ASN C 97 -17.93 6.37 15.73
C ASN C 97 -16.53 6.68 16.28
N ALA C 98 -15.86 5.70 16.85
CA ALA C 98 -14.45 5.90 17.19
C ALA C 98 -13.72 4.67 16.73
N ARG C 99 -12.51 4.84 16.17
CA ARG C 99 -11.71 3.75 15.64
C ARG C 99 -10.37 3.71 16.31
N ARG C 100 -9.95 2.53 16.72
CA ARG C 100 -8.64 2.33 17.30
C ARG C 100 -7.92 1.23 16.54
N ASN C 101 -6.69 1.50 16.11
CA ASN C 101 -5.88 0.58 15.28
C ASN C 101 -4.56 0.27 15.95
N PRO C 102 -4.03 -0.93 15.68
CA PRO C 102 -2.72 -1.30 16.24
C PRO C 102 -1.54 -0.63 15.54
N ILE C 103 -0.36 -0.50 16.16
CA ILE C 103 0.82 -0.14 15.33
C ILE C 103 1.71 -1.29 15.00
N ASN C 104 1.27 -2.50 15.31
CA ASN C 104 2.08 -3.68 15.02
C ASN C 104 1.09 -4.74 14.64
N GLY C 105 1.54 -5.72 13.88
CA GLY C 105 0.73 -6.91 13.68
C GLY C 105 -0.27 -6.76 12.53
N PRO C 106 -1.10 -7.77 12.36
CA PRO C 106 -2.12 -7.71 11.30
C PRO C 106 -3.09 -6.57 11.56
N TYR C 107 -3.57 -6.02 10.48
CA TYR C 107 -4.52 -4.93 10.58
C TYR C 107 -5.77 -5.33 11.35
N TYR C 108 -6.27 -4.45 12.20
CA TYR C 108 -7.67 -4.61 12.63
C TYR C 108 -8.16 -3.29 13.12
N THR C 109 -9.46 -3.16 13.30
CA THR C 109 -10.00 -1.95 13.87
C THR C 109 -10.91 -2.32 15.04
N THR C 110 -10.68 -1.74 16.21
CA THR C 110 -11.68 -1.79 17.28
C THR C 110 -12.57 -0.58 17.11
N ALA C 111 -13.83 -0.84 16.86
CA ALA C 111 -14.82 0.21 16.67
C ALA C 111 -15.76 0.41 17.87
N TYR C 112 -16.06 1.66 18.14
CA TYR C 112 -17.08 2.03 19.12
C TYR C 112 -18.14 2.86 18.41
N TRP C 113 -19.39 2.69 18.82
CA TRP C 113 -20.53 3.39 18.25
C TRP C 113 -21.43 3.89 19.33
N GLY C 114 -21.99 5.08 19.13
CA GLY C 114 -23.07 5.56 20.00
C GLY C 114 -24.41 4.93 19.59
N GLN C 115 -25.47 5.25 20.32
CA GLN C 115 -26.78 4.65 20.03
C GLN C 115 -27.50 5.40 18.94
N GLY C 116 -26.97 6.55 18.56
CA GLY C 116 -27.56 7.34 17.49
C GLY C 116 -28.51 8.43 17.95
N THR C 117 -28.62 9.48 17.15
CA THR C 117 -29.59 10.52 17.42
C THR C 117 -30.34 10.88 16.13
N GLN C 118 -31.67 10.95 16.22
CA GLN C 118 -32.50 11.31 15.05
C GLN C 118 -32.39 12.78 14.69
N VAL C 119 -32.13 13.04 13.42
CA VAL C 119 -32.17 14.38 12.84
C VAL C 119 -33.24 14.39 11.73
N THR C 120 -34.23 15.28 11.83
CA THR C 120 -35.30 15.38 10.84
C THR C 120 -35.42 16.79 10.25
N VAL C 121 -35.24 16.93 8.94
CA VAL C 121 -35.25 18.25 8.33
C VAL C 121 -36.54 18.41 7.55
N SER C 122 -37.30 19.41 7.93
CA SER C 122 -38.56 19.75 7.25
C SER C 122 -38.34 20.58 5.98
N SER C 123 -39.14 20.35 4.95
CA SER C 123 -38.94 21.04 3.67
C SER C 123 -39.55 22.45 3.65
#